data_1JWL
#
_entry.id   1JWL
#
_cell.length_a   255.771
_cell.length_b   255.771
_cell.length_c   206.795
_cell.angle_alpha   90.00
_cell.angle_beta   90.00
_cell.angle_gamma   120.00
#
_symmetry.space_group_name_H-M   'H 3 2'
#
loop_
_entity.id
_entity.type
_entity.pdbx_description
1 polymer "5'-D(*AP*GP*AP*AP*T*TP*GP*TP*GP*AP*GP*CP*GP*GP*AP*TP*AP*AP*CP*AP*AP*TP*T)-3'"
2 polymer "5'-D(*TP*AP*AP*TP*TP*GP*TP*TP*AP*TP*CP*CP*GP*CP*TP*CP*AP*CP*AP*AP*TP*TP*C)-3'"
3 polymer 'Lactose Operon Repressor'
4 non-polymer '2-nitrophenyl beta-D-fucopyranoside'
#
loop_
_entity_poly.entity_id
_entity_poly.type
_entity_poly.pdbx_seq_one_letter_code
_entity_poly.pdbx_strand_id
1 'polydeoxyribonucleotide'
;(DA)(DG)(DA)(DA)(DT)(DT)(DG)(DT)(DG)(DA)(DG)(DC)(DG)(DG)(DA)(DT)(DA)(DA)(DC)(DA)
(DA)(DT)(DT)
;
D
2 'polydeoxyribonucleotide'
;(DT)(DA)(DA)(DT)(DT)(DG)(DT)(DT)(DA)(DT)(DC)(DC)(DG)(DC)(DT)(DC)(DA)(DC)(DA)(DA)
(DT)(DT)(DC)
;
E
3 'polypeptide(L)'
;MKPVTLYDVAEYAGVSYQTVSRVVNQASHVSAKTREKVEAAMAELNYIPNRVAQQLAGKQSLLIGVATSSLALHAPSQIV
AAIKSRADQLGASVVVSMVERSGVEACKTAVHNLLAQRVSGLIINYPLDDQDAIAVEAACTNVPALFLDVSDQTPINSII
FSHEDGTRLGVEHLVALGHQQIALLAGPLSSVSARLRLAGWHKYLTRNQIQPIAEREGDWSAMSGFQQTMQMLNEGIVPT
AMLVANDQMALGAMRAITESGLRVGADISVVGYDDTEDSSCYIPPLTTIKQDFRLLGQTSVDRLLQLSQGQAVKGNQLLP
VSLVKRKTTLAPN
;
A,B,C
#
# COMPACT_ATOMS: atom_id res chain seq x y z
N LYS C 2 25.90 5.33 28.64
CA LYS C 2 26.78 6.27 28.16
C LYS C 2 27.97 5.57 27.61
N PRO C 3 28.04 5.50 26.25
CA PRO C 3 29.01 4.92 25.34
C PRO C 3 30.50 4.84 25.86
N VAL C 4 31.29 3.93 25.27
CA VAL C 4 32.69 3.81 25.61
C VAL C 4 33.53 5.04 25.27
N THR C 5 34.06 5.74 26.29
CA THR C 5 34.87 6.94 26.06
C THR C 5 36.31 6.60 25.60
N LEU C 6 37.12 7.61 25.30
CA LEU C 6 38.53 7.38 24.89
C LEU C 6 39.31 7.14 26.18
N TYR C 7 38.67 7.50 27.29
CA TYR C 7 39.18 7.35 28.64
C TYR C 7 39.03 5.90 29.12
N ASP C 8 37.90 5.27 28.76
CA ASP C 8 37.65 3.89 29.12
C ASP C 8 38.70 2.94 28.49
N VAL C 9 39.20 3.31 27.30
CA VAL C 9 40.21 2.51 26.59
C VAL C 9 41.63 2.80 27.11
N ALA C 10 41.74 3.87 27.89
CA ALA C 10 43.01 4.28 28.49
C ALA C 10 43.42 3.29 29.61
N GLU C 11 42.46 2.98 30.48
CA GLU C 11 42.68 2.06 31.61
C GLU C 11 42.64 0.57 31.23
N TYR C 12 41.74 0.21 30.31
CA TYR C 12 41.61 -1.17 29.84
C TYR C 12 42.71 -1.54 28.83
N ALA C 13 43.75 -0.70 28.78
CA ALA C 13 44.89 -0.89 27.89
C ALA C 13 46.18 -0.43 28.61
N GLY C 14 46.00 0.26 29.73
CA GLY C 14 47.14 0.75 30.53
C GLY C 14 47.86 1.99 30.02
N VAL C 15 47.17 2.80 29.21
CA VAL C 15 47.75 4.02 28.64
C VAL C 15 46.95 5.27 29.01
N SER C 16 47.17 6.36 28.27
CA SER C 16 46.48 7.64 28.47
C SER C 16 45.49 7.92 27.31
N TYR C 17 44.69 8.96 27.45
CA TYR C 17 43.68 9.33 26.44
C TYR C 17 44.35 9.77 25.14
N GLN C 18 45.59 10.21 25.25
CA GLN C 18 46.37 10.67 24.11
C GLN C 18 46.96 9.48 23.34
N THR C 19 47.37 8.46 24.07
CA THR C 19 47.95 7.25 23.49
C THR C 19 46.93 6.62 22.54
N VAL C 20 45.70 6.46 23.03
CA VAL C 20 44.60 5.89 22.24
C VAL C 20 44.27 6.80 21.06
N SER C 21 44.31 8.11 21.29
CA SER C 21 44.03 9.14 20.28
C SER C 21 44.99 8.95 19.11
N ARG C 22 46.25 8.73 19.45
CA ARG C 22 47.31 8.51 18.48
C ARG C 22 46.93 7.30 17.61
N VAL C 23 46.76 6.15 18.26
CA VAL C 23 46.38 4.90 17.58
C VAL C 23 45.18 5.08 16.64
N VAL C 24 44.13 5.72 17.16
CA VAL C 24 42.89 5.97 16.41
C VAL C 24 43.10 6.83 15.16
N ASN C 25 43.94 7.86 15.30
CA ASN C 25 44.26 8.79 14.21
C ASN C 25 45.41 8.32 13.30
N GLN C 26 45.75 7.03 13.37
CA GLN C 26 46.83 6.48 12.58
C GLN C 26 48.17 7.16 12.90
N ALA C 27 48.33 7.57 14.15
CA ALA C 27 49.53 8.20 14.66
C ALA C 27 50.94 8.22 14.09
N SER C 28 51.71 9.26 14.48
CA SER C 28 53.11 9.38 14.01
C SER C 28 53.88 9.03 15.34
N HIS C 29 54.62 7.92 15.32
CA HIS C 29 55.31 7.43 16.48
C HIS C 29 54.31 6.85 17.45
N VAL C 30 54.36 5.52 17.55
CA VAL C 30 53.48 4.72 18.41
C VAL C 30 54.44 3.68 18.97
N SER C 31 54.23 3.35 20.24
CA SER C 31 55.09 2.42 20.96
C SER C 31 55.16 1.01 20.35
N ALA C 32 54.97 0.94 19.03
CA ALA C 32 55.02 -0.33 18.27
C ALA C 32 54.03 -1.36 18.77
N LYS C 33 54.46 -2.21 19.71
CA LYS C 33 53.59 -3.23 20.29
C LYS C 33 52.50 -2.58 21.15
N THR C 34 52.68 -1.29 21.48
CA THR C 34 51.71 -0.55 22.29
C THR C 34 50.41 -0.37 21.53
N ARG C 35 50.54 -0.03 20.24
CA ARG C 35 49.40 0.17 19.35
C ARG C 35 48.62 -1.14 19.14
N GLU C 36 49.35 -2.26 19.18
CA GLU C 36 48.78 -3.59 19.01
C GLU C 36 47.90 -3.95 20.22
N LYS C 37 48.26 -3.45 21.40
CA LYS C 37 47.54 -3.70 22.64
C LYS C 37 46.34 -2.76 22.80
N VAL C 38 46.52 -1.51 22.38
CA VAL C 38 45.48 -0.48 22.46
C VAL C 38 44.33 -0.79 21.50
N GLU C 39 44.67 -1.21 20.27
CA GLU C 39 43.69 -1.56 19.25
C GLU C 39 42.85 -2.76 19.69
N ALA C 40 43.49 -3.67 20.42
CA ALA C 40 42.84 -4.87 20.95
C ALA C 40 41.91 -4.52 22.11
N ALA C 41 42.27 -3.45 22.82
CA ALA C 41 41.51 -2.94 23.97
C ALA C 41 40.20 -2.26 23.54
N MET C 42 40.26 -1.50 22.46
CA MET C 42 39.11 -0.78 21.93
C MET C 42 38.22 -1.73 21.11
N ALA C 43 38.83 -2.82 20.62
CA ALA C 43 38.11 -3.82 19.82
C ALA C 43 37.17 -4.66 20.70
N GLU C 44 37.68 -5.07 21.87
CA GLU C 44 36.92 -5.85 22.85
C GLU C 44 35.87 -4.99 23.51
N LEU C 45 36.12 -3.69 23.52
CA LEU C 45 35.13 -2.82 24.13
C LEU C 45 34.00 -2.33 23.21
N ASN C 46 34.37 -1.61 22.15
CA ASN C 46 33.26 -1.17 21.31
C ASN C 46 33.20 0.34 21.34
N TYR C 47 34.29 0.84 20.82
CA TYR C 47 34.48 2.24 20.74
C TYR C 47 33.98 2.87 19.39
N ILE C 48 33.06 3.79 19.54
CA ILE C 48 32.50 4.51 18.42
C ILE C 48 32.67 6.01 18.71
N PRO C 49 33.72 6.64 18.13
CA PRO C 49 34.03 8.06 18.30
C PRO C 49 32.82 8.99 18.26
N ASN C 50 32.54 9.68 19.37
CA ASN C 50 31.41 10.61 19.45
C ASN C 50 31.62 11.81 18.51
N ARG C 51 31.23 11.64 17.24
CA ARG C 51 31.36 12.66 16.20
C ARG C 51 30.86 14.03 16.66
N VAL C 52 29.96 14.04 17.64
CA VAL C 52 29.41 15.30 18.18
C VAL C 52 30.55 16.11 18.80
N ALA C 53 31.45 15.39 19.47
CA ALA C 53 32.60 16.00 20.12
C ALA C 53 33.74 16.26 19.12
N GLN C 54 33.89 15.37 18.15
CA GLN C 54 34.94 15.50 17.14
C GLN C 54 34.80 16.82 16.36
N GLN C 55 33.56 17.14 16.01
CA GLN C 55 33.23 18.36 15.28
C GLN C 55 33.50 19.60 16.11
N LEU C 56 32.95 19.63 17.32
CA LEU C 56 33.12 20.76 18.24
C LEU C 56 34.59 20.99 18.58
N ALA C 57 35.36 19.89 18.63
CA ALA C 57 36.79 19.93 18.92
C ALA C 57 37.61 20.50 17.76
N GLY C 58 36.95 20.67 16.61
CA GLY C 58 37.64 21.24 15.46
C GLY C 58 37.93 20.34 14.26
N LYS C 59 37.48 19.07 14.33
CA LYS C 59 37.70 18.15 13.23
C LYS C 59 36.98 18.62 11.95
N GLN C 60 37.77 19.04 10.97
CA GLN C 60 37.24 19.55 9.70
C GLN C 60 36.61 18.43 8.86
N SER C 61 35.29 18.30 8.95
CA SER C 61 34.60 17.28 8.19
C SER C 61 33.66 17.97 7.20
N LEU C 62 34.00 17.85 5.92
CA LEU C 62 33.23 18.41 4.80
C LEU C 62 31.83 17.87 4.93
N LEU C 63 31.11 18.46 5.88
CA LEU C 63 29.74 18.09 6.13
C LEU C 63 28.79 18.92 5.24
N ILE C 64 28.25 18.26 4.22
CA ILE C 64 27.34 18.85 3.25
C ILE C 64 25.88 18.89 3.71
N GLY C 65 25.30 20.09 3.73
CA GLY C 65 23.90 20.25 4.11
C GLY C 65 23.02 20.30 2.86
N VAL C 66 21.81 19.75 2.94
CA VAL C 66 20.93 19.75 1.78
C VAL C 66 19.49 20.08 2.08
N ALA C 67 19.01 21.17 1.48
CA ALA C 67 17.62 21.55 1.64
C ALA C 67 16.99 21.05 0.35
N THR C 68 15.93 20.25 0.46
CA THR C 68 15.31 19.72 -0.74
C THR C 68 13.81 19.66 -0.58
N SER C 69 13.13 19.60 -1.73
CA SER C 69 11.67 19.53 -1.79
C SER C 69 11.33 18.14 -1.28
N SER C 70 10.06 17.89 -0.97
CA SER C 70 9.70 16.57 -0.44
C SER C 70 10.34 15.41 -1.18
N LEU C 71 10.82 14.44 -0.42
CA LEU C 71 11.47 13.26 -0.98
C LEU C 71 10.43 12.35 -1.60
N ALA C 72 9.16 12.64 -1.34
CA ALA C 72 8.05 11.88 -1.88
C ALA C 72 7.96 12.04 -3.38
N LEU C 73 8.69 13.02 -3.89
CA LEU C 73 8.71 13.33 -5.31
C LEU C 73 9.86 12.61 -5.97
N HIS C 74 9.61 12.08 -7.17
CA HIS C 74 10.62 11.34 -7.90
C HIS C 74 12.02 11.95 -7.96
N ALA C 75 12.18 12.96 -8.80
CA ALA C 75 13.47 13.59 -8.96
C ALA C 75 14.19 13.99 -7.66
N PRO C 76 13.47 14.62 -6.72
CA PRO C 76 14.20 14.99 -5.51
C PRO C 76 14.92 13.79 -4.93
N SER C 77 14.17 12.72 -4.67
CA SER C 77 14.75 11.50 -4.09
C SER C 77 15.94 10.98 -4.88
N GLN C 78 15.76 10.78 -6.18
CA GLN C 78 16.86 10.31 -7.02
C GLN C 78 18.09 11.13 -6.75
N ILE C 79 17.91 12.44 -6.69
CA ILE C 79 19.02 13.37 -6.47
C ILE C 79 19.64 13.23 -5.09
N VAL C 80 18.83 13.26 -4.03
CA VAL C 80 19.39 13.11 -2.69
C VAL C 80 20.21 11.82 -2.70
N ALA C 81 19.65 10.80 -3.33
CA ALA C 81 20.31 9.51 -3.44
C ALA C 81 21.72 9.68 -4.01
N ALA C 82 21.81 10.11 -5.26
CA ALA C 82 23.10 10.30 -5.89
C ALA C 82 24.02 11.20 -5.06
N ILE C 83 23.45 12.18 -4.36
CA ILE C 83 24.27 13.06 -3.54
C ILE C 83 24.92 12.23 -2.46
N LYS C 84 24.12 11.69 -1.52
CA LYS C 84 24.67 10.87 -0.44
C LYS C 84 25.66 9.88 -1.02
N SER C 85 25.24 9.15 -2.06
CA SER C 85 26.12 8.19 -2.71
C SER C 85 27.51 8.79 -2.90
N ARG C 86 27.59 9.75 -3.82
CA ARG C 86 28.85 10.41 -4.13
C ARG C 86 29.53 10.98 -2.88
N ALA C 87 28.75 11.43 -1.91
CA ALA C 87 29.34 11.97 -0.70
C ALA C 87 30.14 10.89 0.01
N ASP C 88 29.49 9.75 0.29
CA ASP C 88 30.15 8.62 0.97
C ASP C 88 31.42 8.27 0.25
N GLN C 89 31.32 8.23 -1.07
CA GLN C 89 32.44 7.88 -1.94
C GLN C 89 33.61 8.83 -1.79
N LEU C 90 33.34 10.04 -1.28
CA LEU C 90 34.38 11.04 -1.09
C LEU C 90 34.64 11.21 0.39
N GLY C 91 34.09 10.32 1.20
CA GLY C 91 34.30 10.41 2.62
C GLY C 91 33.70 11.66 3.22
N ALA C 92 32.68 12.20 2.54
CA ALA C 92 31.99 13.39 3.01
C ALA C 92 30.66 13.01 3.67
N SER C 93 30.33 13.69 4.76
CA SER C 93 29.08 13.41 5.45
C SER C 93 27.97 14.28 4.82
N VAL C 94 26.71 13.90 5.03
CA VAL C 94 25.59 14.64 4.47
C VAL C 94 24.35 14.68 5.33
N VAL C 95 23.94 15.86 5.75
CA VAL C 95 22.73 16.01 6.55
C VAL C 95 21.72 16.67 5.61
N VAL C 96 20.46 16.23 5.61
CA VAL C 96 19.47 16.85 4.72
C VAL C 96 18.23 17.37 5.45
N SER C 97 17.79 18.57 5.12
CA SER C 97 16.59 19.11 5.75
C SER C 97 15.49 19.18 4.70
N MET C 98 14.41 18.45 4.95
CA MET C 98 13.30 18.41 4.00
C MET C 98 12.30 19.54 4.25
N VAL C 99 12.03 20.32 3.19
CA VAL C 99 11.09 21.44 3.23
C VAL C 99 9.76 21.02 2.64
N GLU C 100 8.70 21.01 3.43
CA GLU C 100 7.40 20.60 2.90
C GLU C 100 6.48 21.78 2.64
N ARG C 101 6.41 22.69 3.60
CA ARG C 101 5.57 23.87 3.47
C ARG C 101 6.06 24.63 2.23
N SER C 102 5.14 25.22 1.47
CA SER C 102 5.52 25.99 0.30
C SER C 102 5.84 27.39 0.77
N GLY C 103 6.93 27.97 0.26
CA GLY C 103 7.27 29.32 0.68
C GLY C 103 8.75 29.52 0.89
N VAL C 104 9.19 30.78 0.84
CA VAL C 104 10.60 31.12 1.02
C VAL C 104 10.99 30.99 2.48
N GLU C 105 10.06 31.34 3.35
CA GLU C 105 10.27 31.27 4.79
C GLU C 105 10.65 29.85 5.22
N ALA C 106 9.89 28.89 4.73
CA ALA C 106 10.14 27.49 5.04
C ALA C 106 11.53 27.09 4.56
N CYS C 107 11.90 27.55 3.35
CA CYS C 107 13.20 27.23 2.78
C CYS C 107 14.32 27.91 3.53
N LYS C 108 13.98 29.00 4.21
CA LYS C 108 14.96 29.73 5.00
C LYS C 108 15.14 28.95 6.33
N THR C 109 14.00 28.58 6.92
CA THR C 109 13.97 27.81 8.16
C THR C 109 14.94 26.66 7.97
N ALA C 110 14.77 25.97 6.84
CA ALA C 110 15.59 24.84 6.46
C ALA C 110 17.08 25.19 6.43
N VAL C 111 17.41 26.29 5.74
CA VAL C 111 18.79 26.70 5.64
C VAL C 111 19.32 27.07 7.02
N HIS C 112 18.43 27.59 7.87
CA HIS C 112 18.79 27.98 9.24
C HIS C 112 19.30 26.77 10.05
N ASN C 113 18.52 25.69 10.08
CA ASN C 113 18.90 24.49 10.82
C ASN C 113 20.15 23.85 10.23
N LEU C 114 20.25 23.87 8.91
CA LEU C 114 21.41 23.30 8.24
C LEU C 114 22.65 24.08 8.67
N LEU C 115 22.46 25.38 8.83
CA LEU C 115 23.54 26.26 9.25
C LEU C 115 23.92 25.94 10.69
N ALA C 116 22.91 25.80 11.54
CA ALA C 116 23.12 25.48 12.94
C ALA C 116 24.02 24.25 13.10
N GLN C 117 23.87 23.26 12.23
CA GLN C 117 24.68 22.07 12.31
C GLN C 117 26.07 22.30 11.74
N ARG C 118 26.41 23.58 11.58
CA ARG C 118 27.69 24.00 11.05
C ARG C 118 28.19 23.20 9.85
N VAL C 119 27.35 23.13 8.81
CA VAL C 119 27.68 22.42 7.57
C VAL C 119 28.75 23.23 6.86
N SER C 120 29.56 22.60 6.03
CA SER C 120 30.60 23.33 5.33
C SER C 120 30.16 23.89 3.97
N GLY C 121 28.94 23.57 3.57
CA GLY C 121 28.42 24.04 2.29
C GLY C 121 26.96 23.63 2.15
N LEU C 122 26.17 24.37 1.38
CA LEU C 122 24.78 23.99 1.23
C LEU C 122 24.43 23.68 -0.21
N ILE C 123 23.48 22.76 -0.39
CA ILE C 123 22.97 22.44 -1.72
C ILE C 123 21.47 22.64 -1.56
N ILE C 124 20.93 23.59 -2.32
CA ILE C 124 19.51 23.89 -2.24
C ILE C 124 18.73 23.37 -3.46
N ASN C 125 18.01 22.27 -3.26
CA ASN C 125 17.19 21.68 -4.30
C ASN C 125 15.74 22.00 -3.95
N TYR C 126 15.40 23.27 -4.07
CA TYR C 126 14.07 23.79 -3.78
C TYR C 126 13.79 24.93 -4.77
N PRO C 127 12.57 25.00 -5.31
CA PRO C 127 12.17 26.04 -6.27
C PRO C 127 12.24 27.43 -5.65
N LEU C 128 13.12 28.26 -6.19
CA LEU C 128 13.29 29.60 -5.66
C LEU C 128 13.23 30.65 -6.75
N ASP C 129 12.50 31.74 -6.48
CA ASP C 129 12.43 32.84 -7.43
C ASP C 129 13.72 33.66 -7.28
N ASP C 130 14.17 34.31 -8.36
CA ASP C 130 15.43 35.07 -8.33
C ASP C 130 15.84 35.79 -7.07
N GLN C 131 15.05 36.76 -6.63
CA GLN C 131 15.42 37.49 -5.42
C GLN C 131 15.43 36.60 -4.19
N ASP C 132 14.43 35.72 -4.11
CA ASP C 132 14.33 34.79 -2.99
C ASP C 132 15.60 33.99 -2.95
N ALA C 133 16.03 33.53 -4.12
CA ALA C 133 17.25 32.75 -4.23
C ALA C 133 18.41 33.57 -3.71
N ILE C 134 18.43 34.85 -4.11
CA ILE C 134 19.50 35.73 -3.67
C ILE C 134 19.48 35.95 -2.16
N ALA C 135 18.28 36.01 -1.59
CA ALA C 135 18.14 36.19 -0.14
C ALA C 135 18.69 34.97 0.60
N VAL C 136 18.29 33.78 0.15
CA VAL C 136 18.78 32.54 0.73
C VAL C 136 20.30 32.55 0.60
N GLU C 137 20.78 32.78 -0.63
CA GLU C 137 22.21 32.84 -0.87
C GLU C 137 22.87 33.70 0.22
N ALA C 138 22.26 34.84 0.52
CA ALA C 138 22.79 35.74 1.53
C ALA C 138 22.81 35.18 2.95
N ALA C 139 21.70 34.56 3.37
CA ALA C 139 21.61 34.00 4.72
C ALA C 139 22.68 32.94 5.00
N CYS C 140 23.24 32.36 3.94
CA CYS C 140 24.31 31.36 4.09
C CYS C 140 25.56 32.08 4.54
N THR C 141 25.56 32.38 5.83
CA THR C 141 26.64 33.08 6.52
C THR C 141 28.03 32.51 6.24
N ASN C 142 28.72 33.10 5.25
CA ASN C 142 30.08 32.68 4.91
C ASN C 142 30.21 31.38 4.10
N VAL C 143 29.30 30.42 4.30
CA VAL C 143 29.36 29.14 3.59
C VAL C 143 28.81 29.13 2.17
N PRO C 144 29.47 28.36 1.28
CA PRO C 144 29.04 28.26 -0.13
C PRO C 144 27.70 27.54 -0.30
N ALA C 145 26.92 28.02 -1.27
CA ALA C 145 25.63 27.44 -1.58
C ALA C 145 25.52 27.23 -3.09
N LEU C 146 24.99 26.06 -3.44
CA LEU C 146 24.81 25.72 -4.83
C LEU C 146 23.30 25.48 -5.02
N PHE C 147 22.74 26.06 -6.09
CA PHE C 147 21.32 25.90 -6.35
C PHE C 147 21.04 24.92 -7.48
N LEU C 148 19.94 24.16 -7.36
CA LEU C 148 19.57 23.17 -8.36
C LEU C 148 18.20 23.40 -8.95
N ASP C 149 17.41 24.26 -8.31
CA ASP C 149 16.07 24.59 -8.81
C ASP C 149 15.87 26.10 -8.90
N VAL C 150 16.64 26.72 -9.79
CA VAL C 150 16.56 28.15 -10.02
C VAL C 150 16.69 28.29 -11.52
N SER C 151 16.57 29.51 -12.03
CA SER C 151 16.70 29.72 -13.45
C SER C 151 18.15 29.97 -13.81
N ASP C 152 18.51 29.71 -15.06
CA ASP C 152 19.89 29.91 -15.49
C ASP C 152 20.28 31.38 -15.42
N GLN C 153 19.29 32.26 -15.28
CA GLN C 153 19.55 33.70 -15.22
C GLN C 153 19.79 34.22 -13.83
N THR C 154 19.51 33.40 -12.83
CA THR C 154 19.74 33.86 -11.48
C THR C 154 21.24 33.98 -11.27
N PRO C 155 21.67 35.14 -10.73
CA PRO C 155 23.07 35.43 -10.46
C PRO C 155 23.63 34.69 -9.25
N ILE C 156 23.61 33.36 -9.28
CA ILE C 156 24.14 32.58 -8.18
C ILE C 156 24.78 31.31 -8.75
N ASN C 157 25.39 30.50 -7.88
CA ASN C 157 26.00 29.24 -8.33
C ASN C 157 24.87 28.27 -8.51
N SER C 158 24.90 27.55 -9.62
CA SER C 158 23.80 26.65 -9.90
C SER C 158 24.08 25.63 -10.97
N ILE C 159 23.46 24.46 -10.83
CA ILE C 159 23.57 23.41 -11.82
C ILE C 159 22.16 22.95 -12.17
N ILE C 160 21.88 22.95 -13.46
CA ILE C 160 20.57 22.56 -13.95
C ILE C 160 20.67 21.99 -15.35
N PHE C 161 19.74 21.11 -15.68
CA PHE C 161 19.72 20.52 -17.01
C PHE C 161 19.25 21.58 -17.98
N SER C 162 19.76 21.51 -19.21
CA SER C 162 19.40 22.48 -20.24
C SER C 162 18.00 22.36 -20.83
N HIS C 163 17.07 23.09 -20.22
CA HIS C 163 15.69 23.11 -20.64
C HIS C 163 15.65 23.63 -22.05
N GLU C 164 16.67 24.41 -22.40
CA GLU C 164 16.72 24.93 -23.76
C GLU C 164 16.85 23.71 -24.70
N ASP C 165 17.81 22.84 -24.43
CA ASP C 165 18.02 21.66 -25.28
C ASP C 165 16.88 20.67 -25.21
N GLY C 166 16.31 20.49 -24.02
CA GLY C 166 15.23 19.55 -23.87
C GLY C 166 13.98 19.91 -24.63
N THR C 167 13.53 21.14 -24.48
CA THR C 167 12.33 21.58 -25.16
C THR C 167 12.50 21.62 -26.65
N ARG C 168 13.69 21.97 -27.11
CA ARG C 168 13.95 22.04 -28.54
C ARG C 168 13.82 20.63 -29.12
N LEU C 169 14.56 19.71 -28.52
CA LEU C 169 14.60 18.30 -28.91
C LEU C 169 13.20 17.75 -29.06
N GLY C 170 12.35 18.11 -28.12
CA GLY C 170 10.98 17.67 -28.12
C GLY C 170 10.19 18.30 -29.25
N VAL C 171 10.30 19.62 -29.37
CA VAL C 171 9.58 20.34 -30.42
C VAL C 171 10.06 19.97 -31.82
N GLU C 172 11.37 19.97 -32.03
CA GLU C 172 11.88 19.61 -33.34
C GLU C 172 11.52 18.18 -33.72
N HIS C 173 11.38 17.30 -32.72
CA HIS C 173 11.04 15.90 -32.98
C HIS C 173 9.61 15.82 -33.52
N LEU C 174 8.69 16.47 -32.81
CA LEU C 174 7.29 16.48 -33.20
C LEU C 174 7.05 17.10 -34.57
N VAL C 175 7.80 18.16 -34.85
CA VAL C 175 7.69 18.85 -36.12
C VAL C 175 8.22 18.01 -37.27
N ALA C 176 9.39 17.40 -37.07
CA ALA C 176 9.99 16.54 -38.09
C ALA C 176 9.02 15.40 -38.44
N LEU C 177 8.17 15.04 -37.49
CA LEU C 177 7.17 14.00 -37.70
C LEU C 177 5.99 14.63 -38.44
N GLY C 178 6.04 15.95 -38.56
CA GLY C 178 5.01 16.67 -39.26
C GLY C 178 3.82 17.11 -38.44
N HIS C 179 3.99 17.20 -37.13
CA HIS C 179 2.89 17.63 -36.27
C HIS C 179 2.72 19.17 -36.27
N GLN C 180 1.46 19.63 -36.25
CA GLN C 180 1.18 21.06 -36.26
C GLN C 180 0.16 21.39 -35.16
N GLN C 181 -0.72 20.44 -34.90
CA GLN C 181 -1.73 20.62 -33.85
C GLN C 181 -1.15 20.12 -32.51
N ILE C 182 -0.32 20.92 -31.87
CA ILE C 182 0.28 20.48 -30.61
C ILE C 182 -0.36 21.16 -29.39
N ALA C 183 -0.46 20.40 -28.31
CA ALA C 183 -1.02 20.90 -27.05
C ALA C 183 0.10 20.83 -26.02
N LEU C 184 -0.02 21.61 -24.96
CA LEU C 184 1.02 21.60 -23.95
C LEU C 184 0.48 21.34 -22.55
N LEU C 185 1.16 20.45 -21.83
CA LEU C 185 0.78 20.10 -20.46
C LEU C 185 1.99 20.41 -19.60
N ALA C 186 1.98 21.57 -18.98
CA ALA C 186 3.12 21.95 -18.18
C ALA C 186 2.95 21.67 -16.71
N GLY C 187 4.08 21.52 -16.03
CA GLY C 187 4.08 21.26 -14.61
C GLY C 187 3.49 22.43 -13.88
N PRO C 188 3.42 22.38 -12.54
CA PRO C 188 2.84 23.50 -11.78
C PRO C 188 3.70 24.75 -11.91
N LEU C 189 3.04 25.86 -12.19
CA LEU C 189 3.72 27.14 -12.39
C LEU C 189 4.44 27.67 -11.16
N SER C 190 4.24 27.00 -10.03
CA SER C 190 4.92 27.44 -8.83
C SER C 190 6.33 26.87 -8.87
N SER C 191 6.58 26.01 -9.86
CA SER C 191 7.90 25.41 -10.01
C SER C 191 8.72 26.02 -11.11
N VAL C 192 9.80 26.65 -10.72
CA VAL C 192 10.74 27.26 -11.65
C VAL C 192 10.97 26.36 -12.87
N SER C 193 11.39 25.12 -12.61
CA SER C 193 11.67 24.21 -13.68
C SER C 193 10.47 23.92 -14.57
N ALA C 194 9.28 24.02 -14.01
CA ALA C 194 8.10 23.76 -14.84
C ALA C 194 8.04 24.89 -15.85
N ARG C 195 8.20 26.11 -15.34
CA ARG C 195 8.15 27.32 -16.15
C ARG C 195 9.20 27.34 -17.25
N LEU C 196 10.44 27.04 -16.88
CA LEU C 196 11.51 27.04 -17.85
C LEU C 196 11.14 26.18 -19.05
N ARG C 197 10.60 25.00 -18.76
CA ARG C 197 10.20 24.07 -19.80
C ARG C 197 9.04 24.60 -20.62
N LEU C 198 8.11 25.30 -19.95
CA LEU C 198 6.95 25.87 -20.65
C LEU C 198 7.53 26.89 -21.63
N ALA C 199 8.38 27.77 -21.10
CA ALA C 199 9.02 28.77 -21.93
C ALA C 199 9.71 28.08 -23.09
N GLY C 200 10.61 27.17 -22.75
CA GLY C 200 11.32 26.44 -23.77
C GLY C 200 10.41 26.05 -24.93
N TRP C 201 9.29 25.40 -24.59
CA TRP C 201 8.35 25.00 -25.63
C TRP C 201 7.86 26.17 -26.44
N HIS C 202 7.35 27.19 -25.76
CA HIS C 202 6.85 28.35 -26.48
C HIS C 202 7.95 28.86 -27.40
N LYS C 203 9.14 29.06 -26.84
CA LYS C 203 10.25 29.55 -27.64
C LYS C 203 10.41 28.84 -28.97
N TYR C 204 10.72 27.55 -28.94
CA TYR C 204 10.92 26.82 -30.18
C TYR C 204 9.68 26.52 -30.98
N LEU C 205 8.52 26.51 -30.34
CA LEU C 205 7.30 26.26 -31.10
C LEU C 205 7.13 27.46 -32.01
N THR C 206 7.46 28.63 -31.46
CA THR C 206 7.37 29.88 -32.20
C THR C 206 8.31 29.86 -33.42
N ARG C 207 9.59 29.53 -33.22
CA ARG C 207 10.53 29.49 -34.35
C ARG C 207 10.10 28.57 -35.50
N ASN C 208 9.07 27.77 -35.30
CA ASN C 208 8.61 26.89 -36.37
C ASN C 208 7.22 27.32 -36.78
N GLN C 209 6.86 28.52 -36.34
CA GLN C 209 5.58 29.13 -36.66
C GLN C 209 4.41 28.25 -36.27
N ILE C 210 4.42 27.78 -35.03
CA ILE C 210 3.34 26.93 -34.54
C ILE C 210 2.79 27.51 -33.24
N GLN C 211 1.48 27.38 -33.05
CA GLN C 211 0.88 27.88 -31.82
C GLN C 211 0.16 26.75 -31.15
N PRO C 212 0.45 26.51 -29.86
CA PRO C 212 -0.23 25.43 -29.15
C PRO C 212 -1.73 25.64 -29.21
N ILE C 213 -2.45 24.61 -29.65
CA ILE C 213 -3.88 24.71 -29.75
C ILE C 213 -4.49 24.49 -28.38
N ALA C 214 -3.63 24.35 -27.38
CA ALA C 214 -4.06 24.11 -26.00
C ALA C 214 -2.88 24.12 -25.01
N GLU C 215 -3.11 24.63 -23.81
CA GLU C 215 -2.04 24.71 -22.82
C GLU C 215 -2.60 24.55 -21.42
N ARG C 216 -2.32 23.41 -20.80
CA ARG C 216 -2.82 23.09 -19.45
C ARG C 216 -1.73 22.90 -18.39
N GLU C 217 -2.12 23.08 -17.13
CA GLU C 217 -1.21 22.98 -16.00
C GLU C 217 -1.50 21.79 -15.06
N GLY C 218 -0.51 20.92 -14.89
CA GLY C 218 -0.65 19.77 -14.01
C GLY C 218 0.10 20.03 -12.71
N ASP C 219 0.28 18.99 -11.89
CA ASP C 219 0.98 19.16 -10.62
C ASP C 219 2.06 18.08 -10.44
N TRP C 220 2.57 17.59 -11.56
CA TRP C 220 3.61 16.56 -11.57
C TRP C 220 3.03 15.16 -11.48
N SER C 221 1.86 15.04 -10.87
CA SER C 221 1.21 13.75 -10.68
C SER C 221 0.56 13.16 -11.92
N ALA C 222 0.49 11.83 -11.97
CA ALA C 222 -0.12 11.14 -13.09
C ALA C 222 -1.60 11.45 -13.15
N MET C 223 -2.25 11.56 -12.00
CA MET C 223 -3.68 11.85 -11.95
C MET C 223 -3.96 13.17 -12.67
N SER C 224 -3.21 14.21 -12.33
CA SER C 224 -3.39 15.50 -12.97
C SER C 224 -3.25 15.33 -14.48
N GLY C 225 -2.16 14.71 -14.91
CA GLY C 225 -1.94 14.50 -16.33
C GLY C 225 -3.17 13.89 -16.97
N PHE C 226 -3.87 13.06 -16.20
CA PHE C 226 -5.08 12.39 -16.67
C PHE C 226 -6.23 13.40 -16.77
N GLN C 227 -6.60 13.99 -15.64
CA GLN C 227 -7.68 14.96 -15.59
C GLN C 227 -7.54 16.06 -16.62
N GLN C 228 -6.40 16.74 -16.63
CA GLN C 228 -6.17 17.80 -17.61
C GLN C 228 -6.36 17.33 -19.04
N THR C 229 -5.76 16.20 -19.41
CA THR C 229 -5.91 15.70 -20.77
C THR C 229 -7.33 15.27 -21.03
N MET C 230 -8.08 14.95 -19.97
CA MET C 230 -9.48 14.58 -20.16
C MET C 230 -10.29 15.83 -20.50
N GLN C 231 -10.30 16.80 -19.58
CA GLN C 231 -11.02 18.07 -19.77
C GLN C 231 -10.74 18.63 -21.15
N MET C 232 -9.47 18.59 -21.55
CA MET C 232 -9.02 19.08 -22.86
C MET C 232 -9.73 18.32 -23.99
N LEU C 233 -9.78 17.01 -23.87
CA LEU C 233 -10.43 16.19 -24.87
C LEU C 233 -11.95 16.34 -24.85
N ASN C 234 -12.51 16.71 -23.69
CA ASN C 234 -13.94 16.90 -23.59
C ASN C 234 -14.41 18.24 -24.17
N GLU C 235 -13.47 19.19 -24.28
CA GLU C 235 -13.76 20.51 -24.84
C GLU C 235 -13.60 20.42 -26.35
N GLY C 236 -13.52 19.22 -26.88
CA GLY C 236 -13.38 19.03 -28.32
C GLY C 236 -12.02 19.33 -28.91
N ILE C 237 -11.07 19.76 -28.08
CA ILE C 237 -9.74 20.08 -28.58
C ILE C 237 -8.91 18.82 -28.66
N VAL C 238 -8.69 18.34 -29.87
CA VAL C 238 -7.92 17.11 -29.97
C VAL C 238 -6.72 17.25 -30.87
N PRO C 239 -5.54 17.39 -30.25
CA PRO C 239 -4.27 17.54 -30.97
C PRO C 239 -3.82 16.26 -31.66
N THR C 240 -2.60 16.27 -32.18
CA THR C 240 -2.04 15.09 -32.82
C THR C 240 -0.74 14.74 -32.12
N ALA C 241 -0.39 15.57 -31.14
CA ALA C 241 0.81 15.38 -30.34
C ALA C 241 0.73 16.28 -29.12
N MET C 242 1.28 15.81 -28.00
CA MET C 242 1.30 16.57 -26.77
C MET C 242 2.70 16.56 -26.21
N LEU C 243 3.09 17.68 -25.61
CA LEU C 243 4.40 17.79 -24.98
C LEU C 243 4.03 17.90 -23.50
N VAL C 244 4.53 16.97 -22.69
CA VAL C 244 4.20 16.99 -21.27
C VAL C 244 5.43 17.25 -20.40
N ALA C 245 5.24 18.03 -19.34
CA ALA C 245 6.30 18.44 -18.43
C ALA C 245 7.06 17.33 -17.73
N ASN C 246 6.56 16.10 -17.77
CA ASN C 246 7.26 15.01 -17.12
C ASN C 246 6.62 13.67 -17.44
N ASP C 247 7.41 12.60 -17.31
CA ASP C 247 6.91 11.26 -17.61
C ASP C 247 5.60 10.91 -16.91
N GLN C 248 5.55 11.09 -15.59
CA GLN C 248 4.33 10.75 -14.87
C GLN C 248 3.05 11.38 -15.41
N MET C 249 3.05 12.67 -15.71
CA MET C 249 1.83 13.27 -16.24
C MET C 249 1.57 12.73 -17.64
N ALA C 250 2.63 12.31 -18.31
CA ALA C 250 2.52 11.77 -19.66
C ALA C 250 1.71 10.48 -19.54
N LEU C 251 1.96 9.76 -18.46
CA LEU C 251 1.27 8.52 -18.19
C LEU C 251 -0.23 8.81 -18.08
N GLY C 252 -0.58 9.74 -17.20
CA GLY C 252 -1.98 10.10 -17.03
C GLY C 252 -2.57 10.54 -18.36
N ALA C 253 -1.77 11.27 -19.13
CA ALA C 253 -2.20 11.75 -20.43
C ALA C 253 -2.50 10.57 -21.32
N MET C 254 -1.54 9.64 -21.38
CA MET C 254 -1.71 8.46 -22.18
C MET C 254 -2.97 7.71 -21.76
N ARG C 255 -3.24 7.65 -20.47
CA ARG C 255 -4.42 6.94 -20.02
C ARG C 255 -5.65 7.54 -20.67
N ALA C 256 -5.86 8.81 -20.39
CA ALA C 256 -7.01 9.55 -20.92
C ALA C 256 -7.15 9.42 -22.44
N ILE C 257 -6.02 9.50 -23.13
CA ILE C 257 -6.03 9.36 -24.57
C ILE C 257 -6.61 7.99 -24.96
N THR C 258 -6.11 6.95 -24.31
CA THR C 258 -6.54 5.57 -24.57
C THR C 258 -7.96 5.27 -24.20
N GLU C 259 -8.36 5.67 -23.01
CA GLU C 259 -9.72 5.44 -22.56
C GLU C 259 -10.70 6.27 -23.36
N SER C 260 -10.17 7.06 -24.28
CA SER C 260 -11.01 7.92 -25.11
C SER C 260 -11.13 7.36 -26.52
N GLY C 261 -10.65 6.13 -26.69
CA GLY C 261 -10.74 5.47 -27.98
C GLY C 261 -9.69 5.89 -28.98
N LEU C 262 -8.70 6.66 -28.55
CA LEU C 262 -7.66 7.07 -29.47
C LEU C 262 -6.41 6.23 -29.20
N ARG C 263 -5.52 6.13 -30.19
CA ARG C 263 -4.29 5.34 -30.06
C ARG C 263 -3.04 6.18 -29.84
N VAL C 264 -2.53 6.19 -28.61
CA VAL C 264 -1.31 6.94 -28.32
C VAL C 264 -0.32 6.54 -29.40
N GLY C 265 0.32 7.53 -30.00
CA GLY C 265 1.27 7.26 -31.07
C GLY C 265 0.56 7.54 -32.41
N ALA C 266 -0.25 6.59 -32.84
CA ALA C 266 -1.02 6.66 -34.08
C ALA C 266 -1.99 7.84 -34.18
N ASP C 267 -2.73 8.11 -33.11
CA ASP C 267 -3.68 9.22 -33.14
C ASP C 267 -3.10 10.46 -32.47
N ILE C 268 -2.61 10.34 -31.24
CA ILE C 268 -2.06 11.47 -30.53
C ILE C 268 -0.69 11.11 -30.01
N SER C 269 0.38 11.55 -30.66
CA SER C 269 1.72 11.23 -30.18
C SER C 269 1.97 11.89 -28.82
N VAL C 270 2.92 11.37 -28.06
CA VAL C 270 3.20 11.98 -26.77
C VAL C 270 4.69 11.99 -26.46
N VAL C 271 5.10 13.01 -25.70
CA VAL C 271 6.50 13.13 -25.29
C VAL C 271 6.61 13.61 -23.85
N GLY C 272 7.39 12.85 -23.07
CA GLY C 272 7.57 13.15 -21.68
C GLY C 272 8.88 13.82 -21.36
N TYR C 273 9.18 13.88 -20.07
CA TYR C 273 10.38 14.52 -19.62
C TYR C 273 10.85 13.82 -18.35
N ASP C 274 12.14 13.43 -18.33
CA ASP C 274 12.79 12.73 -17.22
C ASP C 274 13.40 11.40 -17.62
N ASP C 275 12.57 10.57 -18.26
CA ASP C 275 12.98 9.23 -18.65
C ASP C 275 13.21 8.52 -17.35
N THR C 276 12.14 8.41 -16.56
CA THR C 276 12.21 7.73 -15.29
C THR C 276 12.36 6.26 -15.61
N GLU C 277 12.72 5.47 -14.62
CA GLU C 277 12.88 4.05 -14.87
C GLU C 277 11.61 3.45 -15.49
N ASP C 278 10.46 3.71 -14.87
CA ASP C 278 9.17 3.17 -15.35
C ASP C 278 8.76 3.51 -16.79
N SER C 279 9.08 4.73 -17.21
CA SER C 279 8.72 5.20 -18.54
C SER C 279 8.99 4.21 -19.66
N SER C 280 10.04 3.40 -19.53
CA SER C 280 10.39 2.45 -20.59
C SER C 280 9.46 1.26 -20.72
N CYS C 281 8.49 1.13 -19.82
CA CYS C 281 7.57 0.00 -19.87
C CYS C 281 6.13 0.49 -19.83
N TYR C 282 5.93 1.73 -20.26
CA TYR C 282 4.61 2.32 -20.33
C TYR C 282 3.92 1.74 -21.57
N ILE C 283 2.60 1.78 -21.60
CA ILE C 283 1.88 1.21 -22.74
C ILE C 283 1.33 2.28 -23.68
N PRO C 284 2.05 2.53 -24.79
CA PRO C 284 3.30 1.86 -25.14
C PRO C 284 4.45 2.63 -24.55
N PRO C 285 5.70 2.15 -24.75
CA PRO C 285 6.91 2.81 -24.22
C PRO C 285 6.95 4.30 -24.56
N LEU C 286 7.16 5.13 -23.55
CA LEU C 286 7.17 6.58 -23.68
C LEU C 286 8.45 7.19 -24.21
N THR C 287 8.27 8.07 -25.21
CA THR C 287 9.36 8.83 -25.81
C THR C 287 9.54 10.00 -24.86
N THR C 288 10.77 10.28 -24.44
CA THR C 288 10.95 11.36 -23.49
C THR C 288 12.32 12.01 -23.51
N ILE C 289 12.50 12.98 -22.62
CA ILE C 289 13.74 13.73 -22.51
C ILE C 289 14.50 13.23 -21.29
N LYS C 290 15.67 12.68 -21.52
CA LYS C 290 16.50 12.11 -20.45
C LYS C 290 17.27 13.10 -19.59
N GLN C 291 17.06 13.02 -18.28
CA GLN C 291 17.77 13.87 -17.32
C GLN C 291 18.48 12.95 -16.35
N ASP C 292 19.78 12.79 -16.54
CA ASP C 292 20.58 11.90 -15.69
C ASP C 292 20.74 12.34 -14.22
N PHE C 293 19.72 12.09 -13.42
CA PHE C 293 19.76 12.47 -12.01
C PHE C 293 21.05 12.08 -11.31
N ARG C 294 21.62 10.92 -11.66
CA ARG C 294 22.87 10.47 -11.03
C ARG C 294 23.98 11.53 -11.24
N LEU C 295 24.08 11.98 -12.49
CA LEU C 295 25.06 12.97 -12.89
C LEU C 295 24.87 14.25 -12.10
N LEU C 296 23.64 14.73 -12.08
CA LEU C 296 23.33 15.95 -11.36
C LEU C 296 23.84 15.80 -9.92
N GLY C 297 23.30 14.82 -9.20
CA GLY C 297 23.68 14.59 -7.82
C GLY C 297 25.18 14.45 -7.64
N GLN C 298 25.84 13.70 -8.52
CA GLN C 298 27.29 13.51 -8.43
C GLN C 298 28.01 14.84 -8.63
N THR C 299 27.66 15.52 -9.72
CA THR C 299 28.26 16.79 -10.02
C THR C 299 28.05 17.76 -8.87
N SER C 300 26.82 17.84 -8.35
CA SER C 300 26.53 18.75 -7.27
C SER C 300 27.48 18.65 -6.07
N VAL C 301 27.81 17.44 -5.66
CA VAL C 301 28.71 17.30 -4.52
C VAL C 301 30.12 17.75 -4.93
N ASP C 302 30.62 17.21 -6.04
CA ASP C 302 31.95 17.59 -6.51
C ASP C 302 32.12 19.11 -6.50
N ARG C 303 31.14 19.78 -7.09
CA ARG C 303 31.18 21.23 -7.18
C ARG C 303 31.09 21.91 -5.82
N LEU C 304 30.20 21.47 -4.94
CA LEU C 304 30.09 22.12 -3.64
C LEU C 304 31.40 22.05 -2.89
N LEU C 305 32.17 21.00 -3.16
CA LEU C 305 33.47 20.84 -2.49
C LEU C 305 34.48 21.81 -3.09
N GLN C 306 34.44 21.94 -4.41
CA GLN C 306 35.36 22.84 -5.10
C GLN C 306 35.15 24.26 -4.58
N LEU C 307 33.88 24.68 -4.50
CA LEU C 307 33.56 26.01 -4.00
C LEU C 307 34.04 26.19 -2.56
N SER C 308 33.85 25.15 -1.74
CA SER C 308 34.28 25.19 -0.34
C SER C 308 35.79 25.41 -0.23
N GLN C 309 36.51 25.01 -1.29
CA GLN C 309 37.95 25.17 -1.37
C GLN C 309 38.33 26.42 -2.17
N GLY C 310 37.44 27.42 -2.15
CA GLY C 310 37.69 28.65 -2.87
C GLY C 310 38.16 28.48 -4.30
N GLN C 311 37.75 27.40 -4.95
CA GLN C 311 38.12 27.14 -6.34
C GLN C 311 37.23 28.05 -7.22
N ALA C 312 37.83 28.65 -8.25
CA ALA C 312 37.11 29.57 -9.16
C ALA C 312 36.19 28.87 -10.18
N VAL C 313 35.02 28.47 -9.70
CA VAL C 313 34.03 27.79 -10.52
C VAL C 313 32.64 28.39 -10.22
N LYS C 314 32.62 29.71 -10.00
CA LYS C 314 31.38 30.44 -9.69
C LYS C 314 30.44 30.55 -10.89
N GLY C 315 29.15 30.65 -10.62
CA GLY C 315 28.18 30.79 -11.69
C GLY C 315 27.18 29.68 -11.88
N ASN C 316 26.62 29.61 -13.09
CA ASN C 316 25.64 28.60 -13.44
C ASN C 316 26.18 27.62 -14.44
N GLN C 317 25.87 26.34 -14.22
CA GLN C 317 26.32 25.26 -15.08
C GLN C 317 25.14 24.55 -15.71
N LEU C 318 25.34 24.12 -16.94
CA LEU C 318 24.31 23.40 -17.67
C LEU C 318 24.70 21.93 -17.94
N LEU C 319 23.80 21.02 -17.53
CA LEU C 319 24.00 19.59 -17.72
C LEU C 319 23.21 19.19 -18.94
N PRO C 320 23.84 18.42 -19.82
CA PRO C 320 23.20 17.95 -21.07
C PRO C 320 21.99 17.05 -20.81
N VAL C 321 21.15 16.97 -21.81
CA VAL C 321 19.95 16.13 -21.78
C VAL C 321 19.88 15.51 -23.15
N SER C 322 18.93 14.60 -23.37
CA SER C 322 18.84 13.94 -24.66
C SER C 322 17.48 13.35 -24.96
N LEU C 323 17.24 13.11 -26.24
CA LEU C 323 15.98 12.54 -26.66
C LEU C 323 16.08 11.02 -26.74
N VAL C 324 15.09 10.37 -26.13
CA VAL C 324 14.99 8.91 -26.10
C VAL C 324 13.74 8.52 -26.87
N LYS C 325 13.94 8.10 -28.11
CA LYS C 325 12.83 7.72 -28.97
C LYS C 325 12.26 6.37 -28.63
N ARG C 326 11.01 6.35 -28.21
CA ARG C 326 10.34 5.10 -27.85
C ARG C 326 9.18 4.89 -28.84
N LYS C 327 7.99 4.58 -28.34
CA LYS C 327 6.86 4.33 -29.24
C LYS C 327 5.69 5.29 -29.14
N THR C 328 5.80 6.37 -28.37
CA THR C 328 4.67 7.29 -28.25
C THR C 328 4.60 8.41 -29.32
N THR C 329 5.65 8.53 -30.15
CA THR C 329 5.74 9.54 -31.19
C THR C 329 5.76 8.81 -32.54
N LEU C 330 4.63 8.84 -33.23
CA LEU C 330 4.51 8.16 -34.57
C LEU C 330 3.69 9.05 -35.53
N LYS D 2 34.84 32.09 11.44
CA LYS D 2 33.89 31.21 11.90
C LYS D 2 32.80 31.88 12.66
N PRO D 3 31.56 31.38 12.51
CA PRO D 3 30.29 31.80 13.13
C PRO D 3 30.29 32.69 14.44
N VAL D 4 29.27 33.54 14.56
CA VAL D 4 29.14 34.39 15.72
C VAL D 4 28.98 33.61 17.02
N THR D 5 29.97 33.73 17.94
CA THR D 5 29.90 33.03 19.23
C THR D 5 28.98 33.74 20.24
N LEU D 6 28.76 33.14 21.42
CA LEU D 6 27.92 33.76 22.45
C LEU D 6 28.78 34.83 23.12
N TYR D 7 30.08 34.72 22.86
CA TYR D 7 31.11 35.63 23.37
C TYR D 7 31.12 36.92 22.53
N ASP D 8 30.90 36.78 21.23
CA ASP D 8 30.87 37.93 20.33
C ASP D 8 29.69 38.87 20.67
N VAL D 9 28.60 38.29 21.18
CA VAL D 9 27.40 39.07 21.58
C VAL D 9 27.57 39.66 22.99
N ALA D 10 28.59 39.19 23.71
CA ALA D 10 28.89 39.66 25.05
C ALA D 10 29.46 41.08 24.99
N GLU D 11 30.43 41.31 24.11
CA GLU D 11 31.08 42.61 23.94
C GLU D 11 30.28 43.62 23.12
N TYR D 12 29.59 43.14 22.08
CA TYR D 12 28.77 43.98 21.22
C TYR D 12 27.44 44.33 21.87
N ALA D 13 27.35 44.08 23.18
CA ALA D 13 26.16 44.37 23.98
C ALA D 13 26.57 44.84 25.37
N GLY D 14 27.87 44.71 25.69
CA GLY D 14 28.40 45.13 26.99
C GLY D 14 28.12 44.23 28.19
N VAL D 15 27.85 42.94 27.95
CA VAL D 15 27.56 41.98 29.01
C VAL D 15 28.54 40.78 29.00
N SER D 16 28.14 39.70 29.67
CA SER D 16 28.93 38.46 29.74
C SER D 16 28.27 37.34 28.91
N TYR D 17 28.98 36.22 28.77
CA TYR D 17 28.47 35.07 28.00
C TYR D 17 27.24 34.44 28.68
N GLN D 18 27.12 34.68 29.98
CA GLN D 18 26.00 34.17 30.78
C GLN D 18 24.75 35.03 30.61
N THR D 19 24.97 36.34 30.51
CA THR D 19 23.88 37.31 30.33
C THR D 19 23.12 36.97 29.03
N VAL D 20 23.87 36.78 27.95
CA VAL D 20 23.31 36.43 26.66
C VAL D 20 22.62 35.06 26.73
N SER D 21 23.24 34.13 27.45
CA SER D 21 22.74 32.76 27.64
C SER D 21 21.35 32.83 28.26
N ARG D 22 21.22 33.70 29.25
CA ARG D 22 19.97 33.92 29.96
C ARG D 22 18.91 34.35 28.94
N VAL D 23 19.18 35.46 28.26
CA VAL D 23 18.28 36.00 27.25
C VAL D 23 17.84 34.95 26.22
N VAL D 24 18.82 34.21 25.68
CA VAL D 24 18.57 33.17 24.69
C VAL D 24 17.64 32.05 25.21
N ASN D 25 17.86 31.65 26.46
CA ASN D 25 17.09 30.58 27.09
C ASN D 25 15.79 31.07 27.73
N GLN D 26 15.35 32.29 27.40
CA GLN D 26 14.14 32.86 27.96
C GLN D 26 14.27 32.96 29.51
N ALA D 27 15.49 33.22 29.96
CA ALA D 27 15.84 33.39 31.36
C ALA D 27 14.86 33.88 32.49
N SER D 28 15.23 33.51 33.73
CA SER D 28 14.54 33.87 34.97
C SER D 28 15.41 35.02 35.56
N HIS D 29 14.82 36.23 35.58
CA HIS D 29 15.48 37.43 36.09
C HIS D 29 16.47 37.86 34.99
N VAL D 30 16.09 38.91 34.29
CA VAL D 30 16.87 39.53 33.22
C VAL D 30 16.80 41.04 33.58
N SER D 31 17.89 41.78 33.36
CA SER D 31 17.99 43.19 33.78
C SER D 31 16.97 44.09 33.06
N ALA D 32 15.80 43.51 32.72
CA ALA D 32 14.70 44.21 32.03
C ALA D 32 15.11 44.80 30.69
N LYS D 33 15.58 46.05 30.72
CA LYS D 33 16.02 46.74 29.51
C LYS D 33 17.33 46.13 28.99
N THR D 34 17.97 45.32 29.82
CA THR D 34 19.23 44.66 29.46
C THR D 34 18.98 43.62 28.37
N ARG D 35 17.88 42.87 28.53
CA ARG D 35 17.49 41.83 27.57
C ARG D 35 17.09 42.46 26.22
N GLU D 36 16.56 43.68 26.29
CA GLU D 36 16.13 44.43 25.10
C GLU D 36 17.36 44.86 24.27
N LYS D 37 18.48 45.11 24.95
CA LYS D 37 19.74 45.52 24.33
C LYS D 37 20.55 44.32 23.79
N VAL D 38 20.51 43.22 24.53
CA VAL D 38 21.21 41.98 24.18
C VAL D 38 20.58 41.32 22.95
N GLU D 39 19.24 41.29 22.91
CA GLU D 39 18.48 40.71 21.79
C GLU D 39 18.73 41.50 20.50
N ALA D 40 18.93 42.81 20.66
CA ALA D 40 19.20 43.72 19.55
C ALA D 40 20.63 43.52 19.05
N ALA D 41 21.51 43.13 19.97
CA ALA D 41 22.93 42.88 19.68
C ALA D 41 23.14 41.60 18.87
N MET D 42 22.39 40.55 19.22
CA MET D 42 22.47 39.26 18.53
C MET D 42 21.67 39.30 17.21
N ALA D 43 20.72 40.23 17.11
CA ALA D 43 19.87 40.36 15.92
C ALA D 43 20.68 41.02 14.78
N GLU D 44 21.43 42.07 15.12
CA GLU D 44 22.24 42.79 14.17
C GLU D 44 23.46 41.93 13.76
N LEU D 45 23.79 40.96 14.62
CA LEU D 45 24.93 40.11 14.32
C LEU D 45 24.73 38.74 13.61
N ASN D 46 23.59 38.10 13.98
CA ASN D 46 23.24 36.84 13.20
C ASN D 46 23.78 35.64 13.98
N TYR D 47 23.15 35.46 15.14
CA TYR D 47 23.56 34.40 16.03
C TYR D 47 22.68 33.11 15.82
N ILE D 48 23.36 32.02 15.46
CA ILE D 48 22.74 30.74 15.24
C ILE D 48 23.46 29.75 16.17
N PRO D 49 22.84 29.43 17.32
CA PRO D 49 23.36 28.49 18.34
C PRO D 49 23.98 27.22 17.77
N ASN D 50 25.28 27.02 18.00
CA ASN D 50 25.98 25.83 17.50
C ASN D 50 25.46 24.57 18.21
N ARG D 51 24.39 24.01 17.66
CA ARG D 51 23.75 22.81 18.18
C ARG D 51 24.74 21.70 18.49
N VAL D 52 25.90 21.71 17.80
CA VAL D 52 26.94 20.70 18.01
C VAL D 52 27.42 20.79 19.45
N ALA D 53 27.53 22.02 19.92
CA ALA D 53 27.98 22.31 21.28
C ALA D 53 26.84 22.17 22.31
N GLN D 54 25.63 22.54 21.89
CA GLN D 54 24.45 22.45 22.76
C GLN D 54 24.22 21.01 23.23
N GLN D 55 24.37 20.07 22.30
CA GLN D 55 24.20 18.64 22.57
C GLN D 55 25.28 18.11 23.52
N LEU D 56 26.54 18.36 23.17
CA LEU D 56 27.69 17.91 23.97
C LEU D 56 27.63 18.52 25.38
N ALA D 57 27.12 19.75 25.47
CA ALA D 57 26.98 20.45 26.74
C ALA D 57 25.88 19.84 27.62
N GLY D 58 25.08 18.93 27.05
CA GLY D 58 24.03 18.27 27.82
C GLY D 58 22.59 18.62 27.51
N LYS D 59 22.36 19.48 26.50
CA LYS D 59 20.99 19.86 26.11
C LYS D 59 20.22 18.62 25.61
N GLN D 60 19.24 18.20 26.41
CA GLN D 60 18.41 17.03 26.09
C GLN D 60 17.47 17.33 24.90
N SER D 61 17.90 16.95 23.70
CA SER D 61 17.10 17.15 22.48
C SER D 61 16.76 15.78 21.87
N LEU D 62 15.51 15.49 21.55
CA LEU D 62 15.18 14.17 20.98
C LEU D 62 15.47 14.09 19.47
N LEU D 63 16.49 13.28 19.15
CA LEU D 63 17.01 13.10 17.80
C LEU D 63 16.95 11.65 17.25
N ILE D 64 16.05 11.43 16.30
CA ILE D 64 15.81 10.13 15.67
C ILE D 64 16.77 9.79 14.52
N GLY D 65 17.45 8.66 14.64
CA GLY D 65 18.37 8.22 13.60
C GLY D 65 17.69 7.19 12.71
N VAL D 66 17.97 7.21 11.41
CA VAL D 66 17.34 6.28 10.48
C VAL D 66 18.27 5.64 9.47
N ALA D 67 18.37 4.31 9.53
CA ALA D 67 19.18 3.57 8.58
C ALA D 67 18.14 3.06 7.60
N THR D 68 18.32 3.33 6.32
CA THR D 68 17.35 2.90 5.34
C THR D 68 18.01 2.44 4.07
N SER D 69 17.29 1.65 3.28
CA SER D 69 17.76 1.12 2.00
C SER D 69 17.79 2.33 1.08
N SER D 70 18.41 2.21 -0.09
CA SER D 70 18.48 3.37 -0.99
C SER D 70 17.17 4.13 -1.15
N LEU D 71 17.27 5.45 -1.11
CA LEU D 71 16.11 6.33 -1.24
C LEU D 71 15.62 6.33 -2.68
N ALA D 72 16.43 5.74 -3.56
CA ALA D 72 16.13 5.64 -4.98
C ALA D 72 14.95 4.71 -5.20
N LEU D 73 14.63 3.96 -4.16
CA LEU D 73 13.53 3.01 -4.21
C LEU D 73 12.25 3.67 -3.70
N HIS D 74 11.14 3.37 -4.36
CA HIS D 74 9.86 3.95 -3.98
C HIS D 74 9.51 3.96 -2.51
N ALA D 75 9.14 2.81 -1.96
CA ALA D 75 8.76 2.72 -0.56
C ALA D 75 9.73 3.32 0.45
N PRO D 76 11.03 3.05 0.30
CA PRO D 76 11.92 3.67 1.29
C PRO D 76 11.68 5.18 1.39
N SER D 77 11.77 5.85 0.24
CA SER D 77 11.59 7.30 0.17
C SER D 77 10.27 7.73 0.82
N GLN D 78 9.16 7.18 0.35
CA GLN D 78 7.86 7.50 0.92
C GLN D 78 7.94 7.45 2.43
N ILE D 79 8.56 6.40 2.95
CA ILE D 79 8.68 6.22 4.38
C ILE D 79 9.54 7.28 5.03
N VAL D 80 10.75 7.51 4.51
CA VAL D 80 11.60 8.53 5.11
C VAL D 80 10.82 9.81 5.17
N ALA D 81 10.10 10.07 4.08
CA ALA D 81 9.27 11.26 3.97
C ALA D 81 8.33 11.36 5.16
N ALA D 82 7.41 10.41 5.27
CA ALA D 82 6.46 10.41 6.36
C ALA D 82 7.16 10.48 7.72
N ILE D 83 8.35 9.88 7.85
CA ILE D 83 9.06 9.95 9.11
C ILE D 83 9.40 11.39 9.41
N LYS D 84 10.26 12.00 8.58
CA LYS D 84 10.65 13.40 8.79
C LYS D 84 9.41 14.21 9.04
N SER D 85 8.44 14.10 8.15
CA SER D 85 7.21 14.83 8.32
C SER D 85 6.75 14.77 9.77
N ARG D 86 6.32 13.59 10.20
CA ARG D 86 5.83 13.40 11.55
C ARG D 86 6.83 13.86 12.59
N ALA D 87 8.11 13.71 12.31
CA ALA D 87 9.11 14.14 13.27
C ALA D 87 9.00 15.66 13.51
N ASP D 88 9.06 16.43 12.42
CA ASP D 88 8.95 17.89 12.51
C ASP D 88 7.72 18.28 13.28
N GLN D 89 6.63 17.59 12.99
CA GLN D 89 5.36 17.83 13.62
C GLN D 89 5.41 17.60 15.13
N LEU D 90 6.39 16.83 15.58
CA LEU D 90 6.52 16.55 17.00
C LEU D 90 7.74 17.27 17.55
N GLY D 91 8.30 18.15 16.75
CA GLY D 91 9.46 18.90 17.19
C GLY D 91 10.67 18.03 17.40
N ALA D 92 10.68 16.91 16.70
CA ALA D 92 11.80 15.97 16.79
C ALA D 92 12.71 16.11 15.57
N SER D 93 14.01 16.01 15.80
CA SER D 93 14.95 16.12 14.69
C SER D 93 15.17 14.72 14.10
N VAL D 94 15.67 14.64 12.87
CA VAL D 94 15.90 13.34 12.23
C VAL D 94 17.12 13.30 11.33
N VAL D 95 18.09 12.45 11.64
CA VAL D 95 19.26 12.30 10.79
C VAL D 95 19.12 10.92 10.15
N VAL D 96 19.43 10.79 8.85
CA VAL D 96 19.28 9.49 8.20
C VAL D 96 20.55 9.01 7.51
N SER D 97 20.90 7.74 7.71
CA SER D 97 22.10 7.18 7.07
C SER D 97 21.65 6.17 6.02
N MET D 98 21.98 6.45 4.78
CA MET D 98 21.59 5.59 3.68
C MET D 98 22.60 4.47 3.45
N VAL D 99 22.10 3.23 3.47
CA VAL D 99 22.92 2.04 3.24
C VAL D 99 22.76 1.56 1.80
N GLU D 100 23.84 1.58 1.02
CA GLU D 100 23.72 1.13 -0.37
C GLU D 100 24.29 -0.25 -0.59
N ARG D 101 25.48 -0.48 -0.06
CA ARG D 101 26.13 -1.79 -0.19
C ARG D 101 25.20 -2.82 0.44
N SER D 102 25.14 -4.01 -0.15
CA SER D 102 24.28 -5.07 0.40
C SER D 102 25.09 -5.80 1.46
N GLY D 103 24.47 -6.10 2.59
CA GLY D 103 25.19 -6.80 3.64
C GLY D 103 24.89 -6.28 5.02
N VAL D 104 25.16 -7.11 6.03
CA VAL D 104 24.91 -6.75 7.42
C VAL D 104 25.95 -5.76 7.91
N GLU D 105 27.18 -5.93 7.43
CA GLU D 105 28.28 -5.05 7.79
C GLU D 105 27.96 -3.60 7.45
N ALA D 106 27.47 -3.39 6.24
CA ALA D 106 27.12 -2.06 5.78
C ALA D 106 26.04 -1.48 6.69
N CYS D 107 25.06 -2.30 7.04
CA CYS D 107 23.95 -1.87 7.89
C CYS D 107 24.43 -1.60 9.31
N LYS D 108 25.54 -2.23 9.68
CA LYS D 108 26.13 -2.00 10.99
C LYS D 108 26.87 -0.66 10.93
N THR D 109 27.67 -0.50 9.88
CA THR D 109 28.41 0.74 9.65
C THR D 109 27.43 1.87 9.86
N ALA D 110 26.29 1.76 9.19
CA ALA D 110 25.24 2.76 9.26
C ALA D 110 24.79 3.01 10.70
N VAL D 111 24.49 1.94 11.42
CA VAL D 111 24.05 2.09 12.80
C VAL D 111 25.16 2.73 13.64
N HIS D 112 26.41 2.44 13.27
CA HIS D 112 27.57 2.96 13.98
C HIS D 112 27.60 4.51 13.91
N ASN D 113 27.51 5.05 12.70
CA ASN D 113 27.53 6.50 12.52
C ASN D 113 26.32 7.15 13.19
N LEU D 114 25.18 6.50 13.09
CA LEU D 114 23.97 7.04 13.68
C LEU D 114 24.16 7.10 15.17
N LEU D 115 24.87 6.11 15.70
CA LEU D 115 25.14 6.06 17.12
C LEU D 115 26.08 7.20 17.50
N ALA D 116 27.13 7.38 16.70
CA ALA D 116 28.11 8.42 16.92
C ALA D 116 27.44 9.79 17.09
N GLN D 117 26.39 10.04 16.32
CA GLN D 117 25.70 11.32 16.42
C GLN D 117 24.79 11.36 17.63
N ARG D 118 25.01 10.42 18.54
CA ARG D 118 24.24 10.29 19.78
C ARG D 118 22.73 10.49 19.59
N VAL D 119 22.13 9.69 18.70
CA VAL D 119 20.69 9.73 18.43
C VAL D 119 20.00 9.13 19.66
N SER D 120 18.76 9.52 19.90
CA SER D 120 18.05 8.97 21.06
C SER D 120 17.27 7.68 20.77
N GLY D 121 17.31 7.25 19.50
CA GLY D 121 16.61 6.03 19.09
C GLY D 121 16.88 5.75 17.61
N LEU D 122 16.81 4.49 17.21
CA LEU D 122 17.04 4.17 15.81
C LEU D 122 15.84 3.53 15.14
N ILE D 123 15.69 3.78 13.84
CA ILE D 123 14.63 3.16 13.06
C ILE D 123 15.39 2.52 11.93
N ILE D 124 15.33 1.20 11.85
CA ILE D 124 16.05 0.48 10.81
C ILE D 124 15.12 -0.03 9.70
N ASN D 125 15.16 0.63 8.55
CA ASN D 125 14.36 0.22 7.40
C ASN D 125 15.32 -0.37 6.39
N TYR D 126 15.85 -1.53 6.75
CA TYR D 126 16.78 -2.27 5.93
C TYR D 126 16.49 -3.76 6.13
N PRO D 127 16.53 -4.56 5.04
CA PRO D 127 16.27 -6.00 5.09
C PRO D 127 17.29 -6.73 5.92
N LEU D 128 16.84 -7.31 7.02
CA LEU D 128 17.71 -8.02 7.95
C LEU D 128 17.20 -9.41 8.29
N ASP D 129 18.10 -10.40 8.26
CA ASP D 129 17.72 -11.77 8.61
C ASP D 129 17.68 -11.82 10.13
N ASP D 130 16.88 -12.73 10.69
CA ASP D 130 16.71 -12.83 12.14
C ASP D 130 17.90 -12.59 13.07
N GLN D 131 18.93 -13.40 12.96
CA GLN D 131 20.09 -13.19 13.82
C GLN D 131 20.78 -11.86 13.54
N ASP D 132 20.91 -11.51 12.27
CA ASP D 132 21.52 -10.26 11.87
C ASP D 132 20.76 -9.14 12.54
N ALA D 133 19.43 -9.22 12.49
CA ALA D 133 18.60 -8.21 13.10
C ALA D 133 18.90 -8.18 14.58
N ILE D 134 19.05 -9.34 15.19
CA ILE D 134 19.35 -9.39 16.61
C ILE D 134 20.71 -8.81 16.93
N ALA D 135 21.67 -8.97 16.04
CA ALA D 135 23.01 -8.43 16.26
C ALA D 135 22.96 -6.91 16.22
N VAL D 136 22.30 -6.37 15.20
CA VAL D 136 22.14 -4.93 15.05
C VAL D 136 21.46 -4.44 16.32
N GLU D 137 20.34 -5.06 16.67
CA GLU D 137 19.61 -4.70 17.86
C GLU D 137 20.60 -4.56 19.02
N ALA D 138 21.51 -5.51 19.13
CA ALA D 138 22.50 -5.50 20.20
C ALA D 138 23.49 -4.32 20.14
N ALA D 139 24.02 -4.05 18.95
CA ALA D 139 24.98 -2.96 18.78
C ALA D 139 24.39 -1.61 19.21
N CYS D 140 23.07 -1.49 19.22
CA CYS D 140 22.42 -0.24 19.63
C CYS D 140 22.61 -0.10 21.12
N THR D 141 23.81 0.33 21.46
CA THR D 141 24.25 0.55 22.83
C THR D 141 23.26 1.36 23.69
N ASN D 142 22.39 0.66 24.42
CA ASN D 142 21.45 1.33 25.31
C ASN D 142 20.20 1.97 24.63
N VAL D 143 20.36 2.49 23.41
CA VAL D 143 19.25 3.14 22.70
C VAL D 143 18.25 2.21 22.00
N PRO D 144 16.95 2.56 22.04
CA PRO D 144 15.89 1.77 21.41
C PRO D 144 15.96 1.72 19.90
N ALA D 145 15.64 0.57 19.34
CA ALA D 145 15.65 0.40 17.90
C ALA D 145 14.35 -0.25 17.47
N LEU D 146 13.81 0.24 16.37
CA LEU D 146 12.57 -0.28 15.83
C LEU D 146 12.88 -0.77 14.42
N PHE D 147 12.41 -1.96 14.06
CA PHE D 147 12.66 -2.51 12.73
C PHE D 147 11.43 -2.45 11.83
N LEU D 148 11.67 -2.18 10.54
CA LEU D 148 10.59 -2.07 9.57
C LEU D 148 10.69 -3.07 8.44
N ASP D 149 11.85 -3.72 8.31
CA ASP D 149 12.04 -4.73 7.26
C ASP D 149 12.62 -6.00 7.85
N VAL D 150 11.83 -6.65 8.68
CA VAL D 150 12.21 -7.91 9.31
C VAL D 150 10.95 -8.75 9.29
N SER D 151 11.05 -10.00 9.72
CA SER D 151 9.87 -10.83 9.73
C SER D 151 9.11 -10.66 11.03
N ASP D 152 7.82 -11.01 11.00
CA ASP D 152 7.01 -10.88 12.20
C ASP D 152 7.50 -11.82 13.30
N GLN D 153 8.31 -12.78 12.93
CA GLN D 153 8.80 -13.74 13.91
C GLN D 153 10.07 -13.35 14.59
N THR D 154 10.71 -12.31 14.09
CA THR D 154 11.95 -11.87 14.72
C THR D 154 11.63 -11.30 16.07
N PRO D 155 12.35 -11.76 17.09
CA PRO D 155 12.17 -11.32 18.47
C PRO D 155 12.70 -9.91 18.75
N ILE D 156 12.19 -8.92 18.04
CA ILE D 156 12.61 -7.54 18.27
C ILE D 156 11.42 -6.61 18.08
N ASN D 157 11.62 -5.31 18.30
CA ASN D 157 10.53 -4.36 18.12
C ASN D 157 10.44 -4.14 16.62
N SER D 158 9.21 -4.13 16.09
CA SER D 158 9.05 -3.97 14.67
C SER D 158 7.65 -3.65 14.23
N ILE D 159 7.54 -2.91 13.13
CA ILE D 159 6.25 -2.56 12.57
C ILE D 159 6.31 -2.91 11.10
N ILE D 160 5.32 -3.68 10.65
CA ILE D 160 5.25 -4.12 9.26
C ILE D 160 3.82 -4.35 8.85
N PHE D 161 3.55 -4.18 7.56
CA PHE D 161 2.21 -4.41 7.05
C PHE D 161 1.98 -5.90 7.05
N SER D 162 0.72 -6.29 7.25
CA SER D 162 0.34 -7.71 7.30
C SER D 162 0.34 -8.43 5.98
N HIS D 163 1.48 -9.03 5.67
CA HIS D 163 1.65 -9.78 4.45
C HIS D 163 0.66 -10.93 4.48
N GLU D 164 0.27 -11.34 5.68
CA GLU D 164 -0.68 -12.41 5.78
C GLU D 164 -1.99 -11.92 5.14
N ASP D 165 -2.44 -10.73 5.52
CA ASP D 165 -3.68 -10.20 4.98
C ASP D 165 -3.59 -9.80 3.51
N GLY D 166 -2.43 -9.29 3.12
CA GLY D 166 -2.25 -8.88 1.74
C GLY D 166 -2.27 -10.01 0.75
N THR D 167 -1.50 -11.06 1.02
CA THR D 167 -1.45 -12.18 0.11
C THR D 167 -2.78 -12.93 0.08
N ARG D 168 -3.49 -12.97 1.20
CA ARG D 168 -4.78 -13.67 1.24
C ARG D 168 -5.75 -12.93 0.33
N LEU D 169 -5.89 -11.63 0.59
CA LEU D 169 -6.76 -10.75 -0.17
C LEU D 169 -6.56 -10.92 -1.66
N GLY D 170 -5.29 -11.03 -2.05
CA GLY D 170 -4.97 -11.21 -3.45
C GLY D 170 -5.36 -12.60 -3.94
N VAL D 171 -5.02 -13.64 -3.19
CA VAL D 171 -5.34 -15.00 -3.59
C VAL D 171 -6.85 -15.24 -3.58
N GLU D 172 -7.52 -14.84 -2.52
CA GLU D 172 -8.95 -15.05 -2.48
C GLU D 172 -9.70 -14.25 -3.54
N HIS D 173 -9.13 -13.14 -3.99
CA HIS D 173 -9.77 -12.32 -5.03
C HIS D 173 -9.70 -13.08 -6.35
N LEU D 174 -8.51 -13.54 -6.70
CA LEU D 174 -8.31 -14.29 -7.94
C LEU D 174 -9.14 -15.55 -7.99
N VAL D 175 -9.23 -16.26 -6.88
CA VAL D 175 -10.01 -17.49 -6.81
C VAL D 175 -11.50 -17.23 -6.96
N ALA D 176 -11.99 -16.20 -6.27
CA ALA D 176 -13.39 -15.85 -6.35
C ALA D 176 -13.75 -15.52 -7.80
N LEU D 177 -12.77 -15.06 -8.56
CA LEU D 177 -12.98 -14.75 -9.96
C LEU D 177 -12.92 -16.05 -10.74
N GLY D 178 -12.54 -17.12 -10.05
CA GLY D 178 -12.49 -18.41 -10.69
C GLY D 178 -11.18 -18.81 -11.34
N HIS D 179 -10.10 -18.12 -10.98
CA HIS D 179 -8.80 -18.43 -11.56
C HIS D 179 -8.16 -19.67 -10.91
N GLN D 180 -7.47 -20.48 -11.72
CA GLN D 180 -6.81 -21.68 -11.21
C GLN D 180 -5.39 -21.76 -11.73
N GLN D 181 -5.19 -21.22 -12.92
CA GLN D 181 -3.86 -21.21 -13.54
C GLN D 181 -3.15 -19.92 -13.11
N ILE D 182 -2.61 -19.89 -11.90
CA ILE D 182 -1.94 -18.68 -11.43
C ILE D 182 -0.43 -18.81 -11.42
N ALA D 183 0.24 -17.70 -11.74
CA ALA D 183 1.69 -17.64 -11.79
C ALA D 183 2.13 -16.64 -10.73
N LEU D 184 3.36 -16.72 -10.28
CA LEU D 184 3.81 -15.81 -9.25
C LEU D 184 5.07 -15.07 -9.66
N LEU D 185 5.10 -13.77 -9.42
CA LEU D 185 6.27 -12.98 -9.72
C LEU D 185 6.67 -12.31 -8.42
N ALA D 186 7.64 -12.87 -7.72
CA ALA D 186 8.03 -12.32 -6.44
C ALA D 186 9.22 -11.41 -6.50
N GLY D 187 9.31 -10.53 -5.50
CA GLY D 187 10.40 -9.59 -5.43
C GLY D 187 11.69 -10.34 -5.23
N PRO D 188 12.83 -9.65 -5.13
CA PRO D 188 14.11 -10.32 -4.93
C PRO D 188 14.15 -11.04 -3.59
N LEU D 189 14.60 -12.30 -3.61
CA LEU D 189 14.67 -13.14 -2.42
C LEU D 189 15.63 -12.64 -1.38
N SER D 190 16.41 -11.62 -1.72
CA SER D 190 17.34 -11.06 -0.75
C SER D 190 16.56 -10.12 0.17
N SER D 191 15.31 -9.86 -0.19
CA SER D 191 14.45 -8.99 0.61
C SER D 191 13.42 -9.72 1.45
N VAL D 192 13.59 -9.59 2.76
CA VAL D 192 12.69 -10.21 3.71
C VAL D 192 11.25 -10.05 3.26
N SER D 193 10.84 -8.81 3.02
CA SER D 193 9.47 -8.56 2.63
C SER D 193 9.07 -9.23 1.32
N ALA D 194 10.02 -9.49 0.44
CA ALA D 194 9.66 -10.17 -0.80
C ALA D 194 9.25 -11.57 -0.43
N ARG D 195 10.11 -12.19 0.38
CA ARG D 195 9.90 -13.54 0.84
C ARG D 195 8.57 -13.72 1.57
N LEU D 196 8.31 -12.85 2.54
CA LEU D 196 7.08 -12.94 3.31
C LEU D 196 5.90 -13.02 2.37
N ARG D 197 5.90 -12.16 1.36
CA ARG D 197 4.81 -12.15 0.40
C ARG D 197 4.78 -13.41 -0.44
N LEU D 198 5.95 -13.96 -0.78
CA LEU D 198 6.00 -15.19 -1.56
C LEU D 198 5.34 -16.25 -0.68
N ALA D 199 5.81 -16.36 0.55
CA ALA D 199 5.24 -17.32 1.47
C ALA D 199 3.75 -17.11 1.53
N GLY D 200 3.35 -15.90 1.89
CA GLY D 200 1.93 -15.62 1.97
C GLY D 200 1.17 -16.26 0.81
N TRP D 201 1.62 -16.01 -0.41
CA TRP D 201 0.93 -16.57 -1.57
C TRP D 201 0.89 -18.08 -1.51
N HIS D 202 2.03 -18.70 -1.31
CA HIS D 202 2.05 -20.15 -1.25
C HIS D 202 1.06 -20.60 -0.19
N LYS D 203 1.15 -20.03 1.00
CA LYS D 203 0.25 -20.42 2.06
C LYS D 203 -1.22 -20.49 1.64
N TYR D 204 -1.79 -19.36 1.24
CA TYR D 204 -3.20 -19.36 0.86
C TYR D 204 -3.54 -20.00 -0.46
N LEU D 205 -2.56 -20.09 -1.35
CA LEU D 205 -2.82 -20.74 -2.62
C LEU D 205 -3.07 -22.21 -2.27
N THR D 206 -2.27 -22.70 -1.33
CA THR D 206 -2.39 -24.08 -0.87
C THR D 206 -3.78 -24.34 -0.25
N ARG D 207 -4.22 -23.49 0.67
CA ARG D 207 -5.52 -23.70 1.28
C ARG D 207 -6.68 -23.75 0.28
N ASN D 208 -6.44 -23.40 -0.97
CA ASN D 208 -7.49 -23.46 -1.96
C ASN D 208 -7.16 -24.52 -2.99
N GLN D 209 -6.22 -25.38 -2.61
CA GLN D 209 -5.76 -26.48 -3.44
C GLN D 209 -5.33 -26.03 -4.83
N ILE D 210 -4.46 -25.03 -4.87
CA ILE D 210 -3.96 -24.52 -6.14
C ILE D 210 -2.44 -24.49 -6.12
N GLN D 211 -1.83 -24.78 -7.26
CA GLN D 211 -0.37 -24.77 -7.33
C GLN D 211 0.04 -23.81 -8.43
N PRO D 212 0.91 -22.85 -8.11
CA PRO D 212 1.34 -21.91 -9.13
C PRO D 212 1.93 -22.66 -10.31
N ILE D 213 1.45 -22.36 -11.50
CA ILE D 213 1.95 -23.04 -12.67
C ILE D 213 3.26 -22.38 -13.11
N ALA D 214 3.72 -21.42 -12.32
CA ALA D 214 4.98 -20.71 -12.61
C ALA D 214 5.37 -19.76 -11.46
N GLU D 215 6.67 -19.65 -11.20
CA GLU D 215 7.12 -18.81 -10.10
C GLU D 215 8.47 -18.17 -10.44
N ARG D 216 8.46 -16.86 -10.71
CA ARG D 216 9.67 -16.10 -11.09
C ARG D 216 10.05 -14.99 -10.11
N GLU D 217 11.33 -14.61 -10.15
CA GLU D 217 11.89 -13.60 -9.27
C GLU D 217 12.34 -12.33 -9.98
N GLY D 218 11.79 -11.19 -9.55
CA GLY D 218 12.16 -9.91 -10.12
C GLY D 218 13.07 -9.16 -9.17
N ASP D 219 13.30 -7.88 -9.41
CA ASP D 219 14.16 -7.09 -8.54
C ASP D 219 13.51 -5.76 -8.15
N TRP D 220 12.18 -5.76 -8.13
CA TRP D 220 11.37 -4.60 -7.79
C TRP D 220 11.14 -3.66 -8.98
N SER D 221 12.05 -3.71 -9.96
CA SER D 221 11.96 -2.85 -11.14
C SER D 221 10.94 -3.28 -12.18
N ALA D 222 10.42 -2.31 -12.91
CA ALA D 222 9.44 -2.59 -13.95
C ALA D 222 10.06 -3.42 -15.05
N MET D 223 11.32 -3.16 -15.38
CA MET D 223 11.99 -3.89 -16.44
C MET D 223 11.97 -5.37 -16.11
N SER D 224 12.38 -5.71 -14.89
CA SER D 224 12.41 -7.10 -14.47
C SER D 224 11.03 -7.71 -14.67
N GLY D 225 10.01 -7.04 -14.12
CA GLY D 225 8.65 -7.52 -14.26
C GLY D 225 8.36 -7.83 -15.71
N PHE D 226 8.96 -7.07 -16.61
CA PHE D 226 8.78 -7.25 -18.03
C PHE D 226 9.51 -8.50 -18.50
N GLN D 227 10.82 -8.50 -18.35
CA GLN D 227 11.64 -9.64 -18.76
C GLN D 227 11.13 -10.97 -18.22
N GLN D 228 10.95 -11.06 -16.92
CA GLN D 228 10.45 -12.31 -16.33
C GLN D 228 9.11 -12.76 -16.95
N THR D 229 8.16 -11.85 -17.09
CA THR D 229 6.87 -12.22 -17.67
C THR D 229 7.03 -12.55 -19.14
N MET D 230 8.08 -12.04 -19.77
CA MET D 230 8.30 -12.38 -21.17
C MET D 230 8.80 -13.83 -21.24
N GLN D 231 9.96 -14.11 -20.64
CA GLN D 231 10.54 -15.45 -20.62
C GLN D 231 9.47 -16.49 -20.30
N MET D 232 8.64 -16.17 -19.31
CA MET D 232 7.57 -17.07 -18.89
C MET D 232 6.61 -17.31 -20.04
N LEU D 233 6.22 -16.25 -20.74
CA LEU D 233 5.31 -16.40 -21.85
C LEU D 233 5.97 -17.08 -23.05
N ASN D 234 7.29 -16.98 -23.16
CA ASN D 234 8.00 -17.62 -24.27
C ASN D 234 8.20 -19.11 -24.06
N GLU D 235 8.12 -19.55 -22.80
CA GLU D 235 8.25 -20.95 -22.47
C GLU D 235 6.88 -21.62 -22.59
N GLY D 236 5.93 -20.92 -23.23
CA GLY D 236 4.60 -21.46 -23.41
C GLY D 236 3.70 -21.51 -22.19
N ILE D 237 4.20 -21.07 -21.04
CA ILE D 237 3.40 -21.08 -19.82
C ILE D 237 2.53 -19.84 -19.79
N VAL D 238 1.24 -20.00 -20.03
CA VAL D 238 0.40 -18.83 -20.03
C VAL D 238 -0.75 -18.93 -19.07
N PRO D 239 -0.62 -18.28 -17.90
CA PRO D 239 -1.64 -18.27 -16.85
C PRO D 239 -2.88 -17.46 -17.22
N THR D 240 -3.79 -17.31 -16.27
CA THR D 240 -5.00 -16.52 -16.49
C THR D 240 -5.03 -15.42 -15.45
N ALA D 241 -4.02 -15.40 -14.58
CA ALA D 241 -3.88 -14.39 -13.54
C ALA D 241 -2.48 -14.48 -12.95
N MET D 242 -1.92 -13.32 -12.60
CA MET D 242 -0.59 -13.27 -12.02
C MET D 242 -0.65 -12.47 -10.74
N LEU D 243 0.14 -12.87 -9.75
CA LEU D 243 0.21 -12.15 -8.50
C LEU D 243 1.64 -11.61 -8.54
N VAL D 244 1.79 -10.28 -8.47
CA VAL D 244 3.12 -9.69 -8.52
C VAL D 244 3.48 -9.00 -7.23
N ALA D 245 4.75 -9.12 -6.83
CA ALA D 245 5.25 -8.56 -5.59
C ALA D 245 5.16 -7.05 -5.38
N ASN D 246 4.86 -6.31 -6.45
CA ASN D 246 4.74 -4.86 -6.31
C ASN D 246 4.20 -4.22 -7.56
N ASP D 247 3.58 -3.06 -7.43
CA ASP D 247 3.01 -2.40 -8.60
C ASP D 247 3.98 -2.24 -9.78
N GLN D 248 5.17 -1.71 -9.55
CA GLN D 248 6.09 -1.53 -10.65
C GLN D 248 6.36 -2.77 -11.49
N MET D 249 6.61 -3.91 -10.87
CA MET D 249 6.85 -5.11 -11.67
C MET D 249 5.56 -5.52 -12.37
N ALA D 250 4.43 -5.13 -11.79
CA ALA D 250 3.14 -5.45 -12.36
C ALA D 250 3.05 -4.71 -13.67
N LEU D 251 3.60 -3.50 -13.67
CA LEU D 251 3.62 -2.66 -14.86
C LEU D 251 4.37 -3.41 -15.96
N GLY D 252 5.62 -3.79 -15.68
CA GLY D 252 6.41 -4.50 -16.66
C GLY D 252 5.68 -5.75 -17.13
N ALA D 253 5.01 -6.42 -16.20
CA ALA D 253 4.26 -7.62 -16.51
C ALA D 253 3.16 -7.27 -17.48
N MET D 254 2.43 -6.22 -17.16
CA MET D 254 1.35 -5.80 -18.01
C MET D 254 1.87 -5.47 -19.40
N ARG D 255 3.04 -4.86 -19.46
CA ARG D 255 3.60 -4.52 -20.76
C ARG D 255 3.74 -5.79 -21.59
N ALA D 256 4.57 -6.71 -21.09
CA ALA D 256 4.82 -7.98 -21.77
C ALA D 256 3.54 -8.70 -22.16
N ILE D 257 2.55 -8.69 -21.29
CA ILE D 257 1.28 -9.35 -21.57
C ILE D 257 0.64 -8.71 -22.80
N THR D 258 0.63 -7.37 -22.81
CA THR D 258 0.03 -6.61 -23.91
C THR D 258 0.78 -6.73 -25.23
N GLU D 259 2.10 -6.58 -25.19
CA GLU D 259 2.91 -6.67 -26.40
C GLU D 259 2.93 -8.09 -26.92
N SER D 260 2.23 -8.97 -26.22
CA SER D 260 2.17 -10.37 -26.61
C SER D 260 0.81 -10.69 -27.19
N GLY D 261 0.03 -9.65 -27.44
CA GLY D 261 -1.26 -9.85 -28.04
C GLY D 261 -2.35 -10.30 -27.08
N LEU D 262 -2.06 -10.31 -25.79
CA LEU D 262 -3.08 -10.72 -24.85
C LEU D 262 -3.67 -9.46 -24.19
N ARG D 263 -4.87 -9.57 -23.63
CA ARG D 263 -5.51 -8.42 -22.97
C ARG D 263 -5.47 -8.48 -21.44
N VAL D 264 -4.63 -7.66 -20.81
CA VAL D 264 -4.57 -7.65 -19.36
C VAL D 264 -6.00 -7.52 -18.90
N GLY D 265 -6.39 -8.35 -17.93
CA GLY D 265 -7.74 -8.33 -17.43
C GLY D 265 -8.49 -9.50 -18.08
N ALA D 266 -8.92 -9.28 -19.31
CA ALA D 266 -9.66 -10.30 -20.08
C ALA D 266 -8.92 -11.62 -20.31
N ASP D 267 -7.64 -11.55 -20.67
CA ASP D 267 -6.89 -12.78 -20.90
C ASP D 267 -6.06 -13.18 -19.69
N ILE D 268 -5.25 -12.27 -19.18
CA ILE D 268 -4.42 -12.55 -18.02
C ILE D 268 -4.63 -11.48 -16.96
N SER D 269 -5.41 -11.76 -15.93
CA SER D 269 -5.63 -10.76 -14.87
C SER D 269 -4.32 -10.49 -14.13
N VAL D 270 -4.23 -9.35 -13.47
CA VAL D 270 -3.02 -9.02 -12.74
C VAL D 270 -3.32 -8.31 -11.43
N VAL D 271 -2.47 -8.56 -10.44
CA VAL D 271 -2.60 -7.94 -9.14
C VAL D 271 -1.26 -7.51 -8.58
N GLY D 272 -1.17 -6.24 -8.21
CA GLY D 272 0.06 -5.68 -7.69
C GLY D 272 0.08 -5.54 -6.19
N TYR D 273 1.07 -4.79 -5.72
CA TYR D 273 1.24 -4.61 -4.29
C TYR D 273 1.86 -3.24 -4.07
N ASP D 274 1.26 -2.45 -3.18
CA ASP D 274 1.69 -1.09 -2.82
C ASP D 274 0.59 -0.07 -3.03
N ASP D 275 0.07 -0.06 -4.25
CA ASP D 275 -0.94 0.91 -4.64
C ASP D 275 -0.19 2.22 -4.64
N THR D 276 0.85 2.31 -5.46
CA THR D 276 1.64 3.53 -5.57
C THR D 276 0.74 4.54 -6.23
N GLU D 277 1.14 5.80 -6.20
CA GLU D 277 0.32 6.82 -6.82
C GLU D 277 0.06 6.51 -8.30
N ASP D 278 1.10 6.20 -9.05
CA ASP D 278 0.97 5.90 -10.49
C ASP D 278 0.04 4.73 -10.86
N SER D 279 0.04 3.69 -10.03
CA SER D 279 -0.76 2.51 -10.29
C SER D 279 -2.19 2.80 -10.73
N SER D 280 -2.79 3.88 -10.25
CA SER D 280 -4.17 4.18 -10.60
C SER D 280 -4.38 4.71 -12.00
N CYS D 281 -3.31 4.91 -12.75
CA CYS D 281 -3.43 5.40 -14.12
C CYS D 281 -2.65 4.52 -15.08
N TYR D 282 -2.48 3.25 -14.70
CA TYR D 282 -1.81 2.26 -15.52
C TYR D 282 -2.83 1.82 -16.59
N ILE D 283 -2.35 1.27 -17.69
CA ILE D 283 -3.26 0.86 -18.76
C ILE D 283 -3.44 -0.66 -18.82
N PRO D 284 -4.55 -1.16 -18.26
CA PRO D 284 -5.58 -0.37 -17.58
C PRO D 284 -5.21 -0.23 -16.10
N PRO D 285 -6.01 0.51 -15.33
CA PRO D 285 -5.78 0.74 -13.90
C PRO D 285 -5.51 -0.58 -13.15
N LEU D 286 -4.41 -0.61 -12.40
CA LEU D 286 -3.99 -1.80 -11.67
C LEU D 286 -4.66 -2.08 -10.35
N THR D 287 -5.12 -3.32 -10.19
CA THR D 287 -5.77 -3.77 -8.97
C THR D 287 -4.59 -4.10 -8.09
N THR D 288 -4.59 -3.64 -6.84
CA THR D 288 -3.44 -3.94 -6.01
C THR D 288 -3.73 -3.97 -4.51
N ILE D 289 -2.68 -4.21 -3.73
CA ILE D 289 -2.77 -4.27 -2.28
C ILE D 289 -2.21 -2.95 -1.72
N LYS D 290 -3.06 -2.21 -1.03
CA LYS D 290 -2.67 -0.90 -0.48
C LYS D 290 -1.86 -0.94 0.81
N GLN D 291 -0.71 -0.28 0.77
CA GLN D 291 0.17 -0.18 1.94
C GLN D 291 0.38 1.30 2.23
N ASP D 292 -0.33 1.80 3.24
CA ASP D 292 -0.27 3.21 3.60
C ASP D 292 1.05 3.69 4.16
N PHE D 293 2.03 3.92 3.28
CA PHE D 293 3.34 4.38 3.72
C PHE D 293 3.30 5.53 4.72
N ARG D 294 2.35 6.46 4.56
CA ARG D 294 2.25 7.60 5.49
C ARG D 294 2.07 7.08 6.91
N LEU D 295 1.15 6.11 7.05
CA LEU D 295 0.82 5.50 8.34
C LEU D 295 2.03 4.83 8.97
N LEU D 296 2.73 4.04 8.16
CA LEU D 296 3.91 3.35 8.63
C LEU D 296 4.88 4.38 9.20
N GLY D 297 5.30 5.32 8.34
CA GLY D 297 6.22 6.35 8.77
C GLY D 297 5.77 7.11 10.00
N GLN D 298 4.49 7.52 10.02
CA GLN D 298 3.93 8.24 11.16
C GLN D 298 4.00 7.34 12.40
N THR D 299 3.46 6.14 12.29
CA THR D 299 3.49 5.23 13.41
C THR D 299 4.91 4.97 13.89
N SER D 300 5.84 4.74 12.98
CA SER D 300 7.22 4.49 13.37
C SER D 300 7.80 5.54 14.30
N VAL D 301 7.58 6.81 14.02
CA VAL D 301 8.13 7.84 14.89
C VAL D 301 7.43 7.81 16.24
N ASP D 302 6.10 7.84 16.24
CA ASP D 302 5.36 7.80 17.50
C ASP D 302 5.86 6.70 18.38
N ARG D 303 6.00 5.52 17.81
CA ARG D 303 6.47 4.38 18.57
C ARG D 303 7.91 4.51 19.06
N LEU D 304 8.83 4.96 18.21
CA LEU D 304 10.21 5.08 18.65
C LEU D 304 10.32 6.03 19.84
N LEU D 305 9.41 6.99 19.91
CA LEU D 305 9.44 7.93 21.03
C LEU D 305 8.91 7.26 22.28
N GLN D 306 7.86 6.47 22.13
CA GLN D 306 7.26 5.75 23.25
C GLN D 306 8.33 4.85 23.86
N LEU D 307 9.03 4.09 23.03
CA LEU D 307 10.06 3.19 23.51
C LEU D 307 11.16 3.98 24.24
N SER D 308 11.53 5.13 23.67
CA SER D 308 12.57 5.96 24.27
C SER D 308 12.17 6.41 25.67
N GLN D 309 10.86 6.46 25.91
CA GLN D 309 10.31 6.85 27.21
C GLN D 309 9.97 5.62 28.04
N GLY D 310 10.70 4.53 27.81
CA GLY D 310 10.45 3.30 28.55
C GLY D 310 9.01 2.88 28.66
N GLN D 311 8.20 3.20 27.66
CA GLN D 311 6.78 2.83 27.64
C GLN D 311 6.73 1.35 27.21
N ALA D 312 5.85 0.57 27.85
CA ALA D 312 5.72 -0.87 27.56
C ALA D 312 4.94 -1.19 26.28
N VAL D 313 5.63 -1.09 25.15
CA VAL D 313 5.06 -1.36 23.85
C VAL D 313 6.06 -2.18 23.02
N LYS D 314 6.77 -3.08 23.70
CA LYS D 314 7.77 -3.95 23.07
C LYS D 314 7.15 -5.01 22.18
N GLY D 315 7.91 -5.44 21.16
CA GLY D 315 7.42 -6.47 20.27
C GLY D 315 7.21 -6.09 18.81
N ASN D 316 6.37 -6.87 18.13
CA ASN D 316 6.06 -6.64 16.72
C ASN D 316 4.63 -6.19 16.53
N GLN D 317 4.46 -5.20 15.65
CA GLN D 317 3.14 -4.65 15.36
C GLN D 317 2.78 -4.84 13.91
N LEU D 318 1.50 -5.08 13.66
CA LEU D 318 1.02 -5.29 12.31
C LEU D 318 0.07 -4.16 11.86
N LEU D 319 0.42 -3.56 10.72
CA LEU D 319 -0.36 -2.47 10.10
C LEU D 319 -1.25 -3.07 9.05
N PRO D 320 -2.52 -2.70 9.07
CA PRO D 320 -3.49 -3.21 8.11
C PRO D 320 -3.17 -2.85 6.67
N VAL D 321 -3.72 -3.63 5.75
CA VAL D 321 -3.57 -3.41 4.32
C VAL D 321 -4.95 -3.66 3.73
N SER D 322 -5.12 -3.41 2.44
CA SER D 322 -6.43 -3.61 1.83
C SER D 322 -6.40 -3.81 0.32
N LEU D 323 -7.48 -4.36 -0.20
CA LEU D 323 -7.59 -4.62 -1.62
C LEU D 323 -8.25 -3.46 -2.33
N VAL D 324 -7.61 -3.02 -3.41
CA VAL D 324 -8.10 -1.92 -4.23
C VAL D 324 -8.43 -2.47 -5.59
N LYS D 325 -9.71 -2.71 -5.83
CA LYS D 325 -10.18 -3.27 -7.10
C LYS D 325 -10.17 -2.25 -8.21
N ARG D 326 -9.34 -2.50 -9.22
CA ARG D 326 -9.28 -1.60 -10.35
C ARG D 326 -9.76 -2.37 -11.58
N LYS D 327 -8.99 -2.33 -12.68
CA LYS D 327 -9.41 -3.03 -13.89
C LYS D 327 -8.52 -4.16 -14.38
N THR D 328 -7.51 -4.56 -13.62
CA THR D 328 -6.64 -5.64 -14.11
C THR D 328 -7.08 -7.07 -13.76
N THR D 329 -8.13 -7.19 -12.94
CA THR D 329 -8.67 -8.47 -12.50
C THR D 329 -10.09 -8.59 -13.04
N LEU D 330 -10.24 -9.26 -14.15
CA LEU D 330 -11.59 -9.47 -14.73
C LEU D 330 -11.56 -10.93 -15.21
N LEU E 62 -41.91 -51.65 9.37
CA LEU E 62 -41.49 -50.26 9.68
C LEU E 62 -42.16 -49.28 8.71
N LEU E 63 -43.13 -48.54 9.23
CA LEU E 63 -43.89 -47.59 8.45
C LEU E 63 -43.62 -46.12 8.87
N ILE E 64 -42.89 -45.40 8.02
CA ILE E 64 -42.49 -44.01 8.23
C ILE E 64 -43.56 -43.00 7.84
N GLY E 65 -43.97 -42.16 8.77
CA GLY E 65 -44.96 -41.12 8.49
C GLY E 65 -44.27 -39.79 8.21
N VAL E 66 -44.81 -38.99 7.29
CA VAL E 66 -44.18 -37.73 6.95
C VAL E 66 -45.13 -36.56 6.85
N ALA E 67 -44.93 -35.55 7.68
CA ALA E 67 -45.74 -34.36 7.62
C ALA E 67 -44.84 -33.41 6.86
N THR E 68 -45.32 -32.80 5.79
CA THR E 68 -44.50 -31.89 5.01
C THR E 68 -45.30 -30.71 4.49
N SER E 69 -44.59 -29.66 4.14
CA SER E 69 -45.21 -28.44 3.61
C SER E 69 -45.68 -28.81 2.22
N SER E 70 -46.50 -27.98 1.58
CA SER E 70 -47.01 -28.34 0.25
C SER E 70 -45.95 -28.88 -0.68
N LEU E 71 -46.32 -29.94 -1.41
CA LEU E 71 -45.42 -30.60 -2.36
C LEU E 71 -45.24 -29.73 -3.59
N ALA E 72 -46.07 -28.69 -3.68
CA ALA E 72 -46.03 -27.76 -4.78
C ALA E 72 -44.74 -26.95 -4.75
N LEU E 73 -44.06 -27.00 -3.61
CA LEU E 73 -42.82 -26.25 -3.40
C LEU E 73 -41.66 -27.14 -3.78
N HIS E 74 -40.65 -26.54 -4.41
CA HIS E 74 -39.46 -27.29 -4.84
C HIS E 74 -38.81 -28.23 -3.83
N ALA E 75 -38.12 -27.67 -2.85
CA ALA E 75 -37.45 -28.49 -1.86
C ALA E 75 -38.32 -29.54 -1.18
N PRO E 76 -39.53 -29.18 -0.73
CA PRO E 76 -40.30 -30.24 -0.08
C PRO E 76 -40.39 -31.47 -0.97
N SER E 77 -40.86 -31.30 -2.21
CA SER E 77 -40.99 -32.41 -3.15
C SER E 77 -39.69 -33.19 -3.29
N GLN E 78 -38.61 -32.50 -3.62
CA GLN E 78 -37.33 -33.17 -3.76
C GLN E 78 -37.07 -34.08 -2.56
N ILE E 79 -37.33 -33.55 -1.37
CA ILE E 79 -37.12 -34.30 -0.16
C ILE E 79 -38.06 -35.49 -0.03
N VAL E 80 -39.36 -35.30 -0.19
CA VAL E 80 -40.28 -36.44 -0.08
C VAL E 80 -39.77 -37.50 -1.04
N ALA E 81 -39.36 -37.05 -2.21
CA ALA E 81 -38.84 -37.96 -3.23
C ALA E 81 -37.74 -38.82 -2.65
N ALA E 82 -36.64 -38.19 -2.28
CA ALA E 82 -35.50 -38.92 -1.72
C ALA E 82 -35.89 -39.77 -0.52
N ILE E 83 -36.89 -39.33 0.24
CA ILE E 83 -37.32 -40.12 1.38
C ILE E 83 -37.91 -41.43 0.86
N LYS E 84 -39.02 -41.35 0.12
CA LYS E 84 -39.67 -42.57 -0.41
C LYS E 84 -38.60 -43.42 -1.06
N SER E 85 -37.82 -42.82 -1.94
CA SER E 85 -36.74 -43.56 -2.59
C SER E 85 -36.00 -44.42 -1.59
N ARG E 86 -35.25 -43.77 -0.70
CA ARG E 86 -34.47 -44.47 0.31
C ARG E 86 -35.32 -45.44 1.12
N ALA E 87 -36.57 -45.09 1.37
CA ALA E 87 -37.43 -45.99 2.13
C ALA E 87 -37.59 -47.32 1.39
N ASP E 88 -38.02 -47.25 0.13
CA ASP E 88 -38.21 -48.46 -0.70
C ASP E 88 -36.96 -49.29 -0.69
N GLN E 89 -35.83 -48.61 -0.80
CA GLN E 89 -34.54 -49.25 -0.83
C GLN E 89 -34.23 -49.99 0.45
N LEU E 90 -34.90 -49.63 1.53
CA LEU E 90 -34.69 -50.29 2.81
C LEU E 90 -35.89 -51.14 3.17
N GLY E 91 -36.79 -51.32 2.21
CA GLY E 91 -37.97 -52.12 2.45
C GLY E 91 -38.90 -51.50 3.46
N ALA E 92 -38.81 -50.19 3.60
CA ALA E 92 -39.66 -49.46 4.53
C ALA E 92 -40.79 -48.78 3.79
N SER E 93 -41.98 -48.78 4.37
CA SER E 93 -43.13 -48.14 3.75
C SER E 93 -43.16 -46.67 4.16
N VAL E 94 -43.88 -45.83 3.42
CA VAL E 94 -43.96 -44.41 3.76
C VAL E 94 -45.29 -43.76 3.46
N VAL E 95 -45.96 -43.24 4.48
CA VAL E 95 -47.23 -42.55 4.26
C VAL E 95 -46.94 -41.07 4.54
N VAL E 96 -47.44 -40.17 3.71
CA VAL E 96 -47.17 -38.75 3.93
C VAL E 96 -48.43 -37.89 4.06
N SER E 97 -48.46 -37.00 5.04
CA SER E 97 -49.61 -36.12 5.20
C SER E 97 -49.18 -34.71 4.85
N MET E 98 -49.82 -34.14 3.85
CA MET E 98 -49.49 -32.80 3.40
C MET E 98 -50.26 -31.74 4.15
N VAL E 99 -49.53 -30.79 4.75
CA VAL E 99 -50.09 -29.68 5.51
C VAL E 99 -50.12 -28.43 4.66
N GLU E 100 -51.31 -27.91 4.35
CA GLU E 100 -51.39 -26.71 3.53
C GLU E 100 -51.70 -25.45 4.34
N ARG E 101 -52.68 -25.54 5.22
CA ARG E 101 -53.06 -24.42 6.06
C ARG E 101 -51.82 -24.04 6.88
N SER E 102 -51.61 -22.74 7.11
CA SER E 102 -50.47 -22.29 7.89
C SER E 102 -50.88 -22.33 9.36
N GLY E 103 -49.99 -22.81 10.22
CA GLY E 103 -50.33 -22.88 11.63
C GLY E 103 -49.86 -24.16 12.29
N VAL E 104 -49.73 -24.11 13.61
CA VAL E 104 -49.29 -25.26 14.40
C VAL E 104 -50.42 -26.30 14.49
N GLU E 105 -51.64 -25.81 14.56
CA GLU E 105 -52.81 -26.68 14.66
C GLU E 105 -52.86 -27.63 13.46
N ALA E 106 -52.70 -27.06 12.27
CA ALA E 106 -52.73 -27.85 11.04
C ALA E 106 -51.64 -28.91 11.07
N CYS E 107 -50.46 -28.53 11.55
CA CYS E 107 -49.32 -29.45 11.63
C CYS E 107 -49.53 -30.50 12.70
N LYS E 108 -50.40 -30.20 13.66
CA LYS E 108 -50.73 -31.15 14.70
C LYS E 108 -51.75 -32.14 14.09
N THR E 109 -52.76 -31.58 13.42
CA THR E 109 -53.78 -32.38 12.75
C THR E 109 -53.05 -33.45 11.95
N ALA E 110 -52.06 -33.00 11.18
CA ALA E 110 -51.25 -33.87 10.35
C ALA E 110 -50.57 -34.97 11.16
N VAL E 111 -49.92 -34.60 12.25
CA VAL E 111 -49.26 -35.59 13.07
C VAL E 111 -50.28 -36.55 13.68
N HIS E 112 -51.49 -36.05 13.93
CA HIS E 112 -52.57 -36.84 14.51
C HIS E 112 -52.95 -38.01 13.57
N ASN E 113 -53.22 -37.70 12.30
CA ASN E 113 -53.57 -38.73 11.32
C ASN E 113 -52.42 -39.69 11.08
N LEU E 114 -51.21 -39.16 11.05
CA LEU E 114 -50.04 -39.99 10.85
C LEU E 114 -49.92 -40.97 12.01
N LEU E 115 -50.29 -40.51 13.20
CA LEU E 115 -50.26 -41.33 14.40
C LEU E 115 -51.33 -42.41 14.31
N ALA E 116 -52.52 -42.00 13.88
CA ALA E 116 -53.64 -42.91 13.72
C ALA E 116 -53.27 -44.11 12.87
N GLN E 117 -52.45 -43.89 11.83
CA GLN E 117 -52.04 -44.98 10.96
C GLN E 117 -50.93 -45.80 11.59
N ARG E 118 -50.77 -45.62 12.90
CA ARG E 118 -49.75 -46.33 13.68
C ARG E 118 -48.39 -46.43 13.00
N VAL E 119 -47.85 -45.28 12.61
CA VAL E 119 -46.54 -45.20 11.97
C VAL E 119 -45.50 -45.53 13.04
N SER E 120 -44.33 -46.00 12.64
CA SER E 120 -43.30 -46.31 13.64
C SER E 120 -42.33 -45.16 13.93
N GLY E 121 -42.54 -44.03 13.25
CA GLY E 121 -41.69 -42.87 13.45
C GLY E 121 -42.18 -41.74 12.59
N LEU E 122 -41.92 -40.49 12.96
CA LEU E 122 -42.38 -39.37 12.15
C LEU E 122 -41.23 -38.51 11.67
N ILE E 123 -41.40 -37.92 10.48
CA ILE E 123 -40.42 -36.99 9.94
C ILE E 123 -41.25 -35.74 9.67
N ILE E 124 -40.94 -34.65 10.36
CA ILE E 124 -41.68 -33.41 10.19
C ILE E 124 -40.91 -32.36 9.39
N ASN E 125 -41.30 -32.18 8.13
CA ASN E 125 -40.68 -31.20 7.26
C ASN E 125 -41.69 -30.07 7.11
N TYR E 126 -41.85 -29.34 8.20
CA TYR E 126 -42.77 -28.22 8.27
C TYR E 126 -42.13 -27.18 9.20
N PRO E 127 -42.23 -25.89 8.86
CA PRO E 127 -41.66 -24.79 9.67
C PRO E 127 -42.33 -24.68 11.04
N LEU E 128 -41.55 -24.92 12.07
CA LEU E 128 -42.04 -24.89 13.44
C LEU E 128 -41.18 -24.02 14.35
N ASP E 129 -41.85 -23.22 15.18
CA ASP E 129 -41.13 -22.38 16.12
C ASP E 129 -40.77 -23.28 17.30
N ASP E 130 -39.70 -22.95 18.01
CA ASP E 130 -39.21 -23.75 19.13
C ASP E 130 -40.22 -24.47 20.02
N GLN E 131 -41.06 -23.73 20.73
CA GLN E 131 -42.03 -24.38 21.60
C GLN E 131 -43.03 -25.21 20.82
N ASP E 132 -43.49 -24.69 19.69
CA ASP E 132 -44.43 -25.40 18.85
C ASP E 132 -43.80 -26.73 18.48
N ALA E 133 -42.52 -26.68 18.10
CA ALA E 133 -41.81 -27.89 17.73
C ALA E 133 -41.82 -28.83 18.92
N ILE E 134 -41.59 -28.28 20.11
CA ILE E 134 -41.56 -29.12 21.31
C ILE E 134 -42.92 -29.72 21.60
N ALA E 135 -43.98 -28.98 21.29
CA ALA E 135 -45.34 -29.48 21.52
C ALA E 135 -45.62 -30.65 20.60
N VAL E 136 -45.29 -30.47 19.32
CA VAL E 136 -45.48 -31.52 18.33
C VAL E 136 -44.68 -32.72 18.81
N GLU E 137 -43.41 -32.49 19.11
CA GLU E 137 -42.55 -33.55 19.61
C GLU E 137 -43.29 -34.32 20.69
N ALA E 138 -43.94 -33.60 21.60
CA ALA E 138 -44.68 -34.23 22.68
C ALA E 138 -45.87 -35.07 22.24
N ALA E 139 -46.69 -34.53 21.33
CA ALA E 139 -47.86 -35.24 20.83
C ALA E 139 -47.52 -36.59 20.19
N CYS E 140 -46.26 -36.76 19.77
CA CYS E 140 -45.82 -38.02 19.18
C CYS E 140 -45.72 -39.05 20.29
N THR E 141 -46.90 -39.56 20.64
CA THR E 141 -47.09 -40.55 21.69
C THR E 141 -46.16 -41.76 21.57
N ASN E 142 -45.03 -41.70 22.28
CA ASN E 142 -44.07 -42.80 22.30
C ASN E 142 -43.17 -42.93 21.06
N VAL E 143 -43.66 -42.57 19.87
CA VAL E 143 -42.88 -42.69 18.63
C VAL E 143 -41.88 -41.58 18.35
N PRO E 144 -40.69 -41.94 17.81
CA PRO E 144 -39.64 -40.98 17.51
C PRO E 144 -40.00 -40.01 16.39
N ALA E 145 -39.56 -38.76 16.54
CA ALA E 145 -39.81 -37.74 15.54
C ALA E 145 -38.51 -37.03 15.21
N LEU E 146 -38.32 -36.75 13.93
CA LEU E 146 -37.13 -36.08 13.46
C LEU E 146 -37.61 -34.82 12.75
N PHE E 147 -36.99 -33.69 13.04
CA PHE E 147 -37.40 -32.43 12.41
C PHE E 147 -36.42 -31.97 11.34
N LEU E 148 -36.96 -31.37 10.29
CA LEU E 148 -36.15 -30.88 9.17
C LEU E 148 -36.27 -29.40 8.93
N ASP E 149 -37.27 -28.75 9.54
CA ASP E 149 -37.45 -27.31 9.38
C ASP E 149 -37.62 -26.65 10.74
N VAL E 150 -36.55 -26.69 11.53
CA VAL E 150 -36.52 -26.07 12.84
C VAL E 150 -35.15 -25.44 12.92
N SER E 151 -34.88 -24.74 14.01
CA SER E 151 -33.58 -24.12 14.17
C SER E 151 -32.63 -25.09 14.85
N ASP E 152 -31.34 -24.88 14.64
CA ASP E 152 -30.35 -25.75 15.25
C ASP E 152 -30.38 -25.66 16.75
N GLN E 153 -31.04 -24.65 17.28
CA GLN E 153 -31.11 -24.47 18.72
C GLN E 153 -32.28 -25.16 19.37
N THR E 154 -33.21 -25.64 18.57
CA THR E 154 -34.34 -26.30 19.16
C THR E 154 -33.88 -27.60 19.77
N PRO E 155 -34.26 -27.83 21.02
CA PRO E 155 -33.89 -29.04 21.75
C PRO E 155 -34.63 -30.28 21.30
N ILE E 156 -34.50 -30.64 20.02
CA ILE E 156 -35.15 -31.84 19.53
C ILE E 156 -34.26 -32.51 18.50
N ASN E 157 -34.67 -33.67 17.99
CA ASN E 157 -33.86 -34.36 16.99
C ASN E 157 -34.11 -33.62 15.70
N SER E 158 -33.05 -33.34 14.94
CA SER E 158 -33.23 -32.59 13.71
C SER E 158 -32.04 -32.64 12.78
N ILE E 159 -32.33 -32.53 11.48
CA ILE E 159 -31.30 -32.52 10.47
C ILE E 159 -31.61 -31.34 9.58
N ILE E 160 -30.59 -30.50 9.39
CA ILE E 160 -30.72 -29.31 8.57
C ILE E 160 -29.38 -28.93 7.97
N PHE E 161 -29.42 -28.27 6.82
CA PHE E 161 -28.19 -27.85 6.18
C PHE E 161 -27.63 -26.68 6.97
N SER E 162 -26.30 -26.56 6.98
CA SER E 162 -25.62 -25.50 7.72
C SER E 162 -25.73 -24.11 7.14
N HIS E 163 -26.76 -23.40 7.58
CA HIS E 163 -27.01 -22.04 7.15
C HIS E 163 -25.82 -21.21 7.56
N GLU E 164 -25.13 -21.65 8.59
CA GLU E 164 -23.97 -20.91 9.02
C GLU E 164 -22.96 -20.96 7.86
N ASP E 165 -22.68 -22.16 7.35
CA ASP E 165 -21.72 -22.29 6.25
C ASP E 165 -22.20 -21.68 4.95
N GLY E 166 -23.48 -21.81 4.68
CA GLY E 166 -24.00 -21.27 3.44
C GLY E 166 -23.93 -19.76 3.36
N THR E 167 -24.41 -19.07 4.39
CA THR E 167 -24.40 -17.63 4.37
C THR E 167 -23.00 -17.07 4.38
N ARG E 168 -22.09 -17.75 5.07
CA ARG E 168 -20.71 -17.30 5.12
C ARG E 168 -20.11 -17.37 3.71
N LEU E 169 -20.19 -18.55 3.12
CA LEU E 169 -19.71 -18.82 1.77
C LEU E 169 -20.16 -17.73 0.81
N GLY E 170 -21.42 -17.35 0.93
CA GLY E 170 -21.98 -16.34 0.06
C GLY E 170 -21.41 -14.97 0.37
N VAL E 171 -21.38 -14.60 1.65
CA VAL E 171 -20.86 -13.31 2.02
C VAL E 171 -19.37 -13.18 1.75
N GLU E 172 -18.59 -14.19 2.14
CA GLU E 172 -17.17 -14.12 1.89
C GLU E 172 -16.84 -14.11 0.41
N HIS E 173 -17.71 -14.68 -0.42
CA HIS E 173 -17.48 -14.70 -1.87
C HIS E 173 -17.66 -13.29 -2.44
N LEU E 174 -18.76 -12.64 -2.07
CA LEU E 174 -19.05 -11.30 -2.53
C LEU E 174 -17.98 -10.31 -2.07
N VAL E 175 -17.52 -10.47 -0.83
CA VAL E 175 -16.50 -9.58 -0.30
C VAL E 175 -15.17 -9.76 -1.00
N ALA E 176 -14.78 -11.01 -1.21
CA ALA E 176 -13.51 -11.28 -1.88
C ALA E 176 -13.53 -10.67 -3.29
N LEU E 177 -14.72 -10.50 -3.84
CA LEU E 177 -14.86 -9.91 -5.16
C LEU E 177 -14.83 -8.40 -4.99
N GLY E 178 -14.84 -7.97 -3.73
CA GLY E 178 -14.76 -6.57 -3.40
C GLY E 178 -16.06 -5.81 -3.30
N HIS E 179 -17.16 -6.51 -3.13
CA HIS E 179 -18.44 -5.86 -3.01
C HIS E 179 -18.66 -5.26 -1.63
N GLN E 180 -19.28 -4.09 -1.58
CA GLN E 180 -19.56 -3.41 -0.31
C GLN E 180 -21.02 -2.97 -0.25
N GLN E 181 -21.57 -2.64 -1.41
CA GLN E 181 -22.97 -2.23 -1.50
C GLN E 181 -23.83 -3.46 -1.73
N ILE E 182 -24.12 -4.22 -0.67
CA ILE E 182 -24.91 -5.43 -0.80
C ILE E 182 -26.33 -5.27 -0.28
N ALA E 183 -27.27 -5.91 -0.97
CA ALA E 183 -28.69 -5.86 -0.63
C ALA E 183 -29.11 -7.28 -0.27
N LEU E 184 -30.18 -7.44 0.49
CA LEU E 184 -30.57 -8.78 0.87
C LEU E 184 -32.01 -9.05 0.52
N LEU E 185 -32.27 -10.21 -0.06
CA LEU E 185 -33.62 -10.60 -0.42
C LEU E 185 -33.88 -11.92 0.31
N ALA E 186 -34.54 -11.85 1.45
CA ALA E 186 -34.78 -13.06 2.22
C ALA E 186 -36.11 -13.70 1.99
N GLY E 187 -36.17 -15.00 2.25
CA GLY E 187 -37.42 -15.73 2.08
C GLY E 187 -38.45 -15.20 3.04
N PRO E 188 -39.67 -15.76 3.04
CA PRO E 188 -40.72 -15.29 3.95
C PRO E 188 -40.34 -15.56 5.40
N LEU E 189 -40.48 -14.52 6.23
CA LEU E 189 -40.15 -14.60 7.64
C LEU E 189 -40.96 -15.62 8.42
N SER E 190 -41.98 -16.18 7.80
CA SER E 190 -42.79 -17.16 8.49
C SER E 190 -42.05 -18.48 8.42
N SER E 191 -40.99 -18.51 7.62
CA SER E 191 -40.22 -19.73 7.48
C SER E 191 -38.91 -19.73 8.26
N VAL E 192 -38.83 -20.65 9.22
CA VAL E 192 -37.63 -20.80 10.03
C VAL E 192 -36.36 -20.70 9.19
N SER E 193 -36.29 -21.53 8.17
CA SER E 193 -35.12 -21.56 7.30
C SER E 193 -34.84 -20.24 6.58
N ALA E 194 -35.88 -19.45 6.34
CA ALA E 194 -35.65 -18.18 5.69
C ALA E 194 -34.89 -17.32 6.69
N ARG E 195 -35.40 -17.30 7.93
CA ARG E 195 -34.83 -16.52 9.02
C ARG E 195 -33.39 -16.88 9.30
N LEU E 196 -33.13 -18.18 9.44
CA LEU E 196 -31.77 -18.64 9.71
C LEU E 196 -30.81 -18.05 8.69
N ARG E 197 -31.21 -18.10 7.43
CA ARG E 197 -30.36 -17.56 6.37
C ARG E 197 -30.22 -16.05 6.46
N LEU E 198 -31.29 -15.37 6.87
CA LEU E 198 -31.24 -13.91 7.00
C LEU E 198 -30.21 -13.66 8.10
N ALA E 199 -30.40 -14.32 9.22
CA ALA E 199 -29.46 -14.14 10.32
C ALA E 199 -28.06 -14.41 9.79
N GLY E 200 -27.87 -15.59 9.24
CA GLY E 200 -26.58 -15.93 8.71
C GLY E 200 -25.94 -14.75 8.00
N TRP E 201 -26.65 -14.18 7.05
CA TRP E 201 -26.09 -13.05 6.32
C TRP E 201 -25.71 -11.90 7.22
N HIS E 202 -26.63 -11.47 8.08
CA HIS E 202 -26.34 -10.38 8.98
C HIS E 202 -25.09 -10.70 9.76
N LYS E 203 -25.06 -11.89 10.35
CA LYS E 203 -23.90 -12.29 11.12
C LYS E 203 -22.58 -12.03 10.42
N TYR E 204 -22.34 -12.70 9.30
CA TYR E 204 -21.08 -12.54 8.60
C TYR E 204 -20.90 -11.24 7.88
N LEU E 205 -22.00 -10.57 7.53
CA LEU E 205 -21.86 -9.28 6.87
C LEU E 205 -21.24 -8.36 7.91
N THR E 206 -21.70 -8.52 9.15
CA THR E 206 -21.20 -7.71 10.26
C THR E 206 -19.71 -7.93 10.47
N ARG E 207 -19.27 -9.19 10.54
CA ARG E 207 -17.84 -9.47 10.74
C ARG E 207 -16.92 -8.86 9.69
N ASN E 208 -17.49 -8.36 8.59
CA ASN E 208 -16.67 -7.75 7.57
C ASN E 208 -16.97 -6.27 7.50
N GLN E 209 -17.62 -5.79 8.55
CA GLN E 209 -17.99 -4.40 8.71
C GLN E 209 -18.78 -3.87 7.52
N ILE E 210 -19.83 -4.59 7.16
CA ILE E 210 -20.67 -4.19 6.05
C ILE E 210 -22.13 -4.15 6.49
N GLN E 211 -22.88 -3.20 5.96
CA GLN E 211 -24.29 -3.10 6.32
C GLN E 211 -25.10 -3.16 5.05
N PRO E 212 -26.09 -4.07 5.00
CA PRO E 212 -26.92 -4.16 3.80
C PRO E 212 -27.56 -2.81 3.52
N ILE E 213 -27.40 -2.34 2.28
CA ILE E 213 -27.97 -1.06 1.92
C ILE E 213 -29.44 -1.26 1.57
N ALA E 214 -29.93 -2.48 1.78
CA ALA E 214 -31.33 -2.82 1.50
C ALA E 214 -31.65 -4.25 1.93
N GLU E 215 -32.87 -4.45 2.44
CA GLU E 215 -33.28 -5.77 2.92
C GLU E 215 -34.77 -6.00 2.68
N ARG E 216 -35.10 -6.85 1.71
CA ARG E 216 -36.49 -7.16 1.33
C ARG E 216 -36.90 -8.62 1.55
N GLU E 217 -38.21 -8.82 1.66
CA GLU E 217 -38.78 -10.15 1.91
C GLU E 217 -39.64 -10.68 0.76
N GLY E 218 -39.26 -11.85 0.27
CA GLY E 218 -40.00 -12.50 -0.80
C GLY E 218 -40.82 -13.65 -0.24
N ASP E 219 -41.37 -14.51 -1.10
CA ASP E 219 -42.17 -15.62 -0.64
C ASP E 219 -41.76 -16.92 -1.31
N TRP E 220 -40.49 -16.99 -1.69
CA TRP E 220 -39.91 -18.15 -2.35
C TRP E 220 -40.13 -18.15 -3.85
N SER E 221 -41.18 -17.49 -4.31
CA SER E 221 -41.51 -17.45 -5.75
C SER E 221 -40.66 -16.50 -6.58
N ALA E 222 -40.50 -16.84 -7.85
CA ALA E 222 -39.72 -16.03 -8.76
C ALA E 222 -40.36 -14.67 -8.94
N MET E 223 -41.68 -14.63 -8.97
CA MET E 223 -42.38 -13.36 -9.14
C MET E 223 -42.00 -12.39 -8.03
N SER E 224 -42.05 -12.86 -6.79
CA SER E 224 -41.71 -12.02 -5.65
C SER E 224 -40.30 -11.49 -5.85
N GLY E 225 -39.37 -12.40 -6.15
CA GLY E 225 -38.00 -11.99 -6.36
C GLY E 225 -37.91 -10.87 -7.38
N PHE E 226 -38.84 -10.89 -8.32
CA PHE E 226 -38.91 -9.87 -9.36
C PHE E 226 -39.44 -8.56 -8.78
N GLN E 227 -40.68 -8.59 -8.29
CA GLN E 227 -41.29 -7.42 -7.68
C GLN E 227 -40.40 -6.73 -6.65
N GLN E 228 -39.94 -7.47 -5.64
CA GLN E 228 -39.09 -6.87 -4.63
C GLN E 228 -37.87 -6.20 -5.21
N THR E 229 -37.18 -6.87 -6.13
CA THR E 229 -35.98 -6.27 -6.73
C THR E 229 -36.35 -5.10 -7.62
N MET E 230 -37.59 -5.05 -8.08
CA MET E 230 -38.02 -3.92 -8.88
C MET E 230 -38.20 -2.72 -7.96
N GLN E 231 -39.11 -2.83 -7.00
CA GLN E 231 -39.38 -1.74 -6.03
C GLN E 231 -38.09 -1.16 -5.49
N MET E 232 -37.16 -2.06 -5.14
CA MET E 232 -35.86 -1.66 -4.62
C MET E 232 -35.13 -0.79 -5.63
N LEU E 233 -35.11 -1.22 -6.89
CA LEU E 233 -34.43 -0.46 -7.93
C LEU E 233 -35.15 0.85 -8.26
N ASN E 234 -36.48 0.89 -8.01
CA ASN E 234 -37.24 2.11 -8.28
C ASN E 234 -37.08 3.15 -7.17
N GLU E 235 -36.64 2.70 -6.00
CA GLU E 235 -36.40 3.60 -4.90
C GLU E 235 -34.99 4.15 -5.01
N GLY E 236 -34.36 3.93 -6.15
CA GLY E 236 -33.00 4.43 -6.37
C GLY E 236 -31.88 3.67 -5.68
N ILE E 237 -32.20 2.64 -4.92
CA ILE E 237 -31.19 1.88 -4.22
C ILE E 237 -30.63 0.84 -5.17
N VAL E 238 -29.41 1.06 -5.65
CA VAL E 238 -28.86 0.09 -6.57
C VAL E 238 -27.54 -0.47 -6.11
N PRO E 239 -27.57 -1.69 -5.54
CA PRO E 239 -26.38 -2.37 -5.06
C PRO E 239 -25.44 -2.83 -6.15
N THR E 240 -24.42 -3.59 -5.78
CA THR E 240 -23.49 -4.13 -6.77
C THR E 240 -23.47 -5.64 -6.64
N ALA E 241 -24.27 -6.14 -5.69
CA ALA E 241 -24.40 -7.58 -5.45
C ALA E 241 -25.61 -7.81 -4.54
N MET E 242 -26.31 -8.91 -4.78
CA MET E 242 -27.47 -9.25 -3.97
C MET E 242 -27.33 -10.68 -3.49
N LEU E 243 -27.78 -10.94 -2.28
CA LEU E 243 -27.75 -12.28 -1.72
C LEU E 243 -29.24 -12.62 -1.65
N VAL E 244 -29.65 -13.70 -2.33
CA VAL E 244 -31.06 -14.07 -2.33
C VAL E 244 -31.30 -15.40 -1.62
N ALA E 245 -32.39 -15.48 -0.87
CA ALA E 245 -32.75 -16.66 -0.10
C ALA E 245 -32.94 -17.96 -0.86
N ASN E 246 -33.02 -17.90 -2.19
CA ASN E 246 -33.19 -19.11 -2.99
C ASN E 246 -33.08 -18.86 -4.49
N ASP E 247 -32.70 -19.89 -5.23
CA ASP E 247 -32.53 -19.74 -6.67
C ASP E 247 -33.72 -19.10 -7.36
N GLN E 248 -34.92 -19.61 -7.12
CA GLN E 248 -36.07 -19.03 -7.80
C GLN E 248 -36.24 -17.52 -7.65
N MET E 249 -36.08 -16.99 -6.45
CA MET E 249 -36.23 -15.55 -6.29
C MET E 249 -35.07 -14.85 -6.97
N ALA E 250 -33.95 -15.55 -7.06
CA ALA E 250 -32.77 -15.00 -7.71
C ALA E 250 -33.11 -14.79 -9.17
N LEU E 251 -33.88 -15.72 -9.70
CA LEU E 251 -34.31 -15.64 -11.09
C LEU E 251 -35.09 -14.35 -11.28
N GLY E 252 -36.12 -14.17 -10.47
CA GLY E 252 -36.94 -12.97 -10.55
C GLY E 252 -36.08 -11.73 -10.39
N ALA E 253 -35.11 -11.82 -9.50
CA ALA E 253 -34.22 -10.70 -9.26
C ALA E 253 -33.45 -10.44 -10.53
N MET E 254 -32.91 -11.49 -11.10
CA MET E 254 -32.15 -11.35 -12.32
C MET E 254 -33.00 -10.72 -13.40
N ARG E 255 -34.26 -11.11 -13.47
CA ARG E 255 -35.11 -10.55 -14.50
C ARG E 255 -35.16 -9.04 -14.36
N ALA E 256 -35.63 -8.59 -13.20
CA ALA E 256 -35.75 -7.16 -12.90
C ALA E 256 -34.44 -6.40 -13.14
N ILE E 257 -33.32 -7.01 -12.77
CA ILE E 257 -32.03 -6.37 -12.98
C ILE E 257 -31.82 -6.13 -14.47
N THR E 258 -32.09 -7.17 -15.27
CA THR E 258 -31.90 -7.12 -16.73
C THR E 258 -32.83 -6.18 -17.44
N GLU E 259 -34.12 -6.27 -17.11
CA GLU E 259 -35.13 -5.41 -17.74
C GLU E 259 -34.95 -3.97 -17.31
N SER E 260 -33.95 -3.74 -16.47
CA SER E 260 -33.69 -2.40 -15.97
C SER E 260 -32.44 -1.85 -16.63
N GLY E 261 -31.96 -2.56 -17.65
CA GLY E 261 -30.79 -2.09 -18.35
C GLY E 261 -29.46 -2.35 -17.69
N LEU E 262 -29.46 -3.14 -16.62
CA LEU E 262 -28.21 -3.45 -15.94
C LEU E 262 -27.79 -4.87 -16.34
N ARG E 263 -26.50 -5.19 -16.19
CA ARG E 263 -26.02 -6.52 -16.56
C ARG E 263 -25.73 -7.41 -15.36
N VAL E 264 -26.58 -8.40 -15.11
CA VAL E 264 -26.37 -9.31 -14.00
C VAL E 264 -24.91 -9.77 -14.13
N GLY E 265 -24.19 -9.70 -13.03
CA GLY E 265 -22.78 -10.07 -13.04
C GLY E 265 -21.93 -8.81 -13.08
N ALA E 266 -21.82 -8.23 -14.27
CA ALA E 266 -21.06 -7.00 -14.48
C ALA E 266 -21.53 -5.78 -13.69
N ASP E 267 -22.84 -5.56 -13.61
CA ASP E 267 -23.35 -4.42 -12.85
C ASP E 267 -23.81 -4.81 -11.45
N ILE E 268 -24.68 -5.81 -11.35
CA ILE E 268 -25.18 -6.28 -10.06
C ILE E 268 -24.99 -7.79 -9.96
N SER E 269 -23.97 -8.24 -9.23
CA SER E 269 -23.75 -9.69 -9.08
C SER E 269 -24.91 -10.29 -8.29
N VAL E 270 -25.12 -11.59 -8.45
CA VAL E 270 -26.19 -12.23 -7.70
C VAL E 270 -25.78 -13.60 -7.20
N VAL E 271 -26.35 -14.01 -6.06
CA VAL E 271 -26.09 -15.32 -5.48
C VAL E 271 -27.35 -15.93 -4.92
N GLY E 272 -27.61 -17.15 -5.34
CA GLY E 272 -28.81 -17.85 -4.90
C GLY E 272 -28.58 -18.88 -3.84
N TYR E 273 -29.58 -19.72 -3.63
CA TYR E 273 -29.49 -20.74 -2.61
C TYR E 273 -30.33 -21.93 -3.07
N ASP E 274 -29.75 -23.11 -3.02
CA ASP E 274 -30.37 -24.39 -3.42
C ASP E 274 -29.59 -25.13 -4.48
N ASP E 275 -29.33 -24.41 -5.57
CA ASP E 275 -28.65 -24.99 -6.72
C ASP E 275 -29.64 -25.99 -7.25
N THR E 276 -30.80 -25.48 -7.63
CA THR E 276 -31.85 -26.33 -8.19
C THR E 276 -31.34 -26.77 -9.55
N GLU E 277 -32.00 -27.75 -10.15
CA GLU E 277 -31.56 -28.21 -11.46
C GLU E 277 -31.53 -27.07 -12.47
N ASP E 278 -32.61 -26.31 -12.57
CA ASP E 278 -32.70 -25.20 -13.52
C ASP E 278 -31.64 -24.09 -13.38
N SER E 279 -31.25 -23.78 -12.14
CA SER E 279 -30.29 -22.73 -11.89
C SER E 279 -29.08 -22.73 -12.79
N SER E 280 -28.66 -23.90 -13.24
CA SER E 280 -27.47 -23.98 -14.09
C SER E 280 -27.65 -23.55 -15.53
N CYS E 281 -28.85 -23.17 -15.90
CA CYS E 281 -29.11 -22.73 -17.25
C CYS E 281 -29.87 -21.41 -17.27
N TYR E 282 -29.70 -20.65 -16.18
CA TYR E 282 -30.31 -19.33 -16.03
C TYR E 282 -29.45 -18.39 -16.86
N ILE E 283 -30.03 -17.25 -17.27
CA ILE E 283 -29.28 -16.31 -18.09
C ILE E 283 -28.80 -15.11 -17.30
N PRO E 284 -27.52 -15.10 -16.89
CA PRO E 284 -26.57 -16.18 -17.15
C PRO E 284 -26.64 -17.18 -16.02
N PRO E 285 -25.86 -18.26 -16.10
CA PRO E 285 -25.85 -19.29 -15.07
C PRO E 285 -25.68 -18.72 -13.67
N LEU E 286 -26.56 -19.11 -12.76
CA LEU E 286 -26.57 -18.62 -11.38
C LEU E 286 -25.60 -19.26 -10.39
N THR E 287 -24.87 -18.39 -9.68
CA THR E 287 -23.92 -18.82 -8.67
C THR E 287 -24.80 -19.04 -7.47
N THR E 288 -24.65 -20.17 -6.80
CA THR E 288 -25.52 -20.40 -5.66
C THR E 288 -24.93 -21.31 -4.59
N ILE E 289 -25.72 -21.59 -3.56
CA ILE E 289 -25.32 -22.44 -2.46
C ILE E 289 -26.00 -23.79 -2.64
N LYS E 290 -25.21 -24.84 -2.79
CA LYS E 290 -25.75 -26.17 -3.01
C LYS E 290 -26.27 -26.90 -1.79
N GLN E 291 -27.52 -27.35 -1.85
CA GLN E 291 -28.14 -28.10 -0.77
C GLN E 291 -28.58 -29.44 -1.35
N ASP E 292 -27.82 -30.49 -1.06
CA ASP E 292 -28.11 -31.81 -1.60
C ASP E 292 -29.37 -32.49 -1.08
N PHE E 293 -30.51 -32.08 -1.59
CA PHE E 293 -31.78 -32.65 -1.14
C PHE E 293 -31.77 -34.19 -1.04
N ARG E 294 -31.10 -34.86 -1.98
CA ARG E 294 -31.06 -36.32 -1.96
C ARG E 294 -30.47 -36.80 -0.63
N LEU E 295 -29.37 -36.17 -0.22
CA LEU E 295 -28.68 -36.51 1.00
C LEU E 295 -29.57 -36.31 2.20
N LEU E 296 -30.21 -35.16 2.27
CA LEU E 296 -31.10 -34.87 3.37
C LEU E 296 -32.13 -35.98 3.48
N GLY E 297 -32.90 -36.17 2.42
CA GLY E 297 -33.92 -37.19 2.40
C GLY E 297 -33.38 -38.56 2.76
N GLN E 298 -32.25 -38.95 2.18
CA GLN E 298 -31.64 -40.26 2.46
C GLN E 298 -31.28 -40.32 3.93
N THR E 299 -30.54 -39.32 4.41
CA THR E 299 -30.13 -39.30 5.80
C THR E 299 -31.33 -39.34 6.71
N SER E 300 -32.35 -38.55 6.41
CA SER E 300 -33.54 -38.54 7.26
C SER E 300 -34.15 -39.91 7.53
N VAL E 301 -34.26 -40.76 6.51
CA VAL E 301 -34.84 -42.07 6.74
C VAL E 301 -33.89 -42.92 7.57
N ASP E 302 -32.62 -42.97 7.18
CA ASP E 302 -31.64 -43.75 7.93
C ASP E 302 -31.70 -43.42 9.41
N ARG E 303 -31.69 -42.13 9.71
CA ARG E 303 -31.74 -41.68 11.09
C ARG E 303 -33.05 -42.02 11.80
N LEU E 304 -34.20 -41.81 11.15
CA LEU E 304 -35.48 -42.12 11.81
C LEU E 304 -35.55 -43.60 12.18
N LEU E 305 -34.86 -44.45 11.43
CA LEU E 305 -34.85 -45.88 11.73
C LEU E 305 -33.94 -46.14 12.92
N GLN E 306 -32.80 -45.46 12.96
CA GLN E 306 -31.86 -45.62 14.06
C GLN E 306 -32.56 -45.25 15.36
N LEU E 307 -33.22 -44.10 15.37
CA LEU E 307 -33.93 -43.67 16.58
C LEU E 307 -35.01 -44.68 16.97
N SER E 308 -35.72 -45.21 15.98
CA SER E 308 -36.77 -46.20 16.25
C SER E 308 -36.20 -47.43 16.94
N GLN E 309 -34.92 -47.66 16.73
CA GLN E 309 -34.21 -48.79 17.33
C GLN E 309 -33.45 -48.35 18.57
N GLY E 310 -33.96 -47.33 19.24
CA GLY E 310 -33.33 -46.83 20.45
C GLY E 310 -31.83 -46.62 20.35
N GLN E 311 -31.33 -46.30 19.16
CA GLN E 311 -29.90 -46.05 18.96
C GLN E 311 -29.62 -44.62 19.48
N ALA E 312 -28.49 -44.44 20.16
CA ALA E 312 -28.14 -43.14 20.74
C ALA E 312 -27.58 -42.13 19.71
N VAL E 313 -28.49 -41.48 19.00
CA VAL E 313 -28.12 -40.49 18.00
C VAL E 313 -29.06 -39.29 18.15
N LYS E 314 -29.40 -38.97 19.39
CA LYS E 314 -30.30 -37.85 19.72
C LYS E 314 -29.67 -36.49 19.47
N GLY E 315 -30.52 -35.50 19.16
CA GLY E 315 -30.02 -34.17 18.94
C GLY E 315 -30.20 -33.58 17.55
N ASN E 316 -29.38 -32.58 17.24
CA ASN E 316 -29.41 -31.90 15.96
C ASN E 316 -28.18 -32.20 15.13
N GLN E 317 -28.40 -32.44 13.83
CA GLN E 317 -27.32 -32.76 12.90
C GLN E 317 -27.23 -31.71 11.82
N LEU E 318 -26.00 -31.42 11.40
CA LEU E 318 -25.78 -30.44 10.34
C LEU E 318 -25.22 -31.08 9.06
N LEU E 319 -25.91 -30.85 7.95
CA LEU E 319 -25.51 -31.36 6.64
C LEU E 319 -24.73 -30.29 5.92
N PRO E 320 -23.58 -30.64 5.35
CA PRO E 320 -22.75 -29.70 4.64
C PRO E 320 -23.41 -29.08 3.42
N VAL E 321 -22.91 -27.93 3.01
CA VAL E 321 -23.39 -27.21 1.84
C VAL E 321 -22.15 -26.71 1.14
N SER E 322 -22.30 -26.11 -0.02
CA SER E 322 -21.12 -25.64 -0.75
C SER E 322 -21.41 -24.56 -1.77
N LEU E 323 -20.37 -23.84 -2.16
CA LEU E 323 -20.51 -22.77 -3.13
C LEU E 323 -20.26 -23.27 -4.53
N VAL E 324 -21.17 -22.91 -5.43
CA VAL E 324 -21.10 -23.30 -6.83
C VAL E 324 -20.94 -22.04 -7.64
N LYS E 325 -19.71 -21.76 -8.05
CA LYS E 325 -19.42 -20.56 -8.82
C LYS E 325 -19.86 -20.64 -10.26
N ARG E 326 -20.81 -19.79 -10.64
CA ARG E 326 -21.29 -19.80 -12.00
C ARG E 326 -20.92 -18.46 -12.62
N LYS E 327 -21.86 -17.80 -13.28
CA LYS E 327 -21.57 -16.52 -13.91
C LYS E 327 -22.28 -15.27 -13.37
N THR E 328 -23.04 -15.37 -12.29
CA THR E 328 -23.73 -14.20 -11.77
C THR E 328 -22.93 -13.33 -10.79
N THR E 329 -21.74 -13.79 -10.41
CA THR E 329 -20.88 -13.07 -9.49
C THR E 329 -19.61 -12.70 -10.26
N LEU E 330 -19.51 -11.43 -10.63
CA LEU E 330 -18.32 -10.94 -11.37
C LEU E 330 -17.87 -9.56 -10.85
#